data_8ZYY
#
_entry.id   8ZYY
#
_cell.length_a   1.00
_cell.length_b   1.00
_cell.length_c   1.00
_cell.angle_alpha   90.00
_cell.angle_beta   90.00
_cell.angle_gamma   90.00
#
_symmetry.space_group_name_H-M   'P 1'
#
loop_
_entity.id
_entity.type
_entity.pdbx_description
1 polymer Beta-arrestin-1
2 polymer 'Fab30 heavy chain'
3 polymer 'neurotensin peptide 8-13'
4 polymer 'Fab30 light chain'
5 polymer 'Soluble cytochrome b562,Neurotensin receptor type 1'
6 non-polymer '[(2R)-2-octanoyloxy-3-[oxidanyl-[(1R,2R,3S,4R,5R,6S)-2,3,6-tris(oxidanyl)-4,5-diphosphonooxy-cyclohexyl]oxy-phosphoryl]oxy-propyl] octanoate'
7 non-polymer 2-[{2-(1-fluorocyclopropyl)-4-[4-(2-methoxyphenyl)piperidin-1-yl]quinazolin-6-yl}(methyl)amino]ethan-1-ol
#
loop_
_entity_poly.entity_id
_entity_poly.type
_entity_poly.pdbx_seq_one_letter_code
_entity_poly.pdbx_strand_id
1 'polypeptide(L)'
;MGSHHHHHHHHGSLEVLFQGPGDKGTRVFKKASPNGKLTVYLGKRDFVDHIDLVDPVDGVVLVDPEYLKERRVYVTLTCA
FRYGREDLDVLGLTFRKDLFVANVQSFPPAPEDKKPLTRLQERLIKKLGEHAYPFTFEIPPNLPCSVTLQPGPEDTGKAC
GVDYEVKAFCAENLEEKIHKRNSVRLVIRKVQYAPERPGPQPTAETTRQFLMSDKPLHLEASLDKEIYYHGEPISVNVHV
TNNTNKTVKKIKISVRQYADICLFNTAQYKCPVAMEEADDTVAPSSTFCKVYTLTPFLANNREKRGLALDGKLKHEDTNL
ASSTLLREGANREILGIIVSYKVKVKLVVSRGGLLGDLASSDVAVELPFTLMHPKPKEEPPHREVPENETPVDTNLIELD
TN
;
B
2 'polypeptide(L)'
;MVSAIVLYVLLAAAAHSAFAEISEVQLVESGGGLVQPGGSLRLSCAASGFNVYSSSIHWVRQAPGKGLEWVASISSYYGY
TYYADSVKGRFTISADTSKNTAYLQMNSLRAEDTAVYYCARSRQFWYSGLDYWGQGTLVTVSSASTKGPSVFPLAPSSKS
TSGGTAALGCLVKDYFPEPVTVSWNSGALTSGVHTFPAVLQSSGLYSLSSVVTVPSSSLGTQTYICNVNHKPSNTKVDKK
VEPKSCDKTAAAHHHHHHHH
;
D
3 'polypeptide(L)' RRPYIL L
4 'polypeptide(L)'
;MVSAIVLYVLLAAAAHSAFASDIQMTQSPSSLSASVGDRVTITCRASQSVSSAVAWYQQKPGKAPKLLIYSASSLYSGVP
SRFSGSRSGTDFTLTISSLQPEDFATYYCQQYKYVPVTFGQGTKVEIKRTVAAPSVFIFPPSDSQLKSGTASVVCLLNNF
YPREAKVQWKVDNALQSGNSQESVTEQDSKDSTYSLSSTLTLSKADYEKHKVYACEVTHQGLSSPVTKSFNRGEC
;
Q
5 'polypeptide(L)'
;MKTIIALSYIFCLVFAGSADLEDNWETLNDNLKVIEKADNAAQVKDALTKMRAAALDAQKATPPKLEDKSPDSPEMKDFR
HGFDILVGQIDDALKLANEGKVKEAQAAAEQLKTTRNAYIQKYLASGSLEVLFQGPMRLNSSAPGTPGTPAADPFQRAQA
GLEEALLAPGFGNASGNASERVLAAPSSELDVNTDIYSKVLVTAVYLALFVVGTVGNTVTAFTLARKKSLQSLQSTVHYH
LGSLALSDLLTLLLAMPVELYNFIWVHHPWAFGDAGCRGYYFLRDACTYATALNVASLSVERYLAICHPFKAKTLMSRSR
TKKFISAIWLASALLAVPMLFTMGEQNRSADGQHAGGLVCTPTIHTATVKVVIQVNTFMSFIFPMVVISVLNTIIANKLT
VMVRQAAEQGQVCTVGGEHSTFSMAIEPGRVQALRHGVRVLRAVVIAFVVCWLPYHVRRLMFCYISDEQWTPFLYDFYHY
FYMVTNALFYVSSTINPILYNLVSANFRHIFLATLACLCPVWRRRRKRPCFNAFSRKCD(SEP)V(SEP)(SEP)NH
(TPO)L(SEP)(SEP)NATRETLY
;
R
#
loop_
_chem_comp.id
_chem_comp.type
_chem_comp.name
_chem_comp.formula
PIO non-polymer '[(2R)-2-octanoyloxy-3-[oxidanyl-[(1R,2R,3S,4R,5R,6S)-2,3,6-tris(oxidanyl)-4,5-diphosphonooxy-cyclohexyl]oxy-phosphoryl]oxy-propyl] octanoate' 'C25 H49 O19 P3'
SRW non-polymer 2-[{2-(1-fluorocyclopropyl)-4-[4-(2-methoxyphenyl)piperidin-1-yl]quinazolin-6-yl}(methyl)amino]ethan-1-ol 'C26 H31 F N4 O2'
#
# COMPACT_ATOMS: atom_id res chain seq x y z
N THR A 26 24.11 -8.98 -19.46
CA THR A 26 24.00 -10.43 -19.61
C THR A 26 23.44 -11.07 -18.35
N ARG A 27 22.12 -11.16 -18.27
CA ARG A 27 21.47 -11.85 -17.16
C ARG A 27 20.27 -12.60 -17.73
N VAL A 28 20.25 -13.92 -17.54
CA VAL A 28 19.19 -14.78 -18.05
C VAL A 28 18.70 -15.68 -16.93
N PHE A 29 17.49 -16.21 -17.11
CA PHE A 29 16.82 -17.02 -16.11
C PHE A 29 16.80 -18.47 -16.54
N LYS A 30 17.26 -19.36 -15.66
CA LYS A 30 17.26 -20.79 -15.91
C LYS A 30 16.38 -21.48 -14.88
N LYS A 31 15.50 -22.36 -15.33
CA LYS A 31 14.70 -23.20 -14.46
C LYS A 31 14.76 -24.63 -14.95
N ALA A 32 15.35 -25.51 -14.16
CA ALA A 32 15.47 -26.91 -14.53
C ALA A 32 14.21 -27.67 -14.15
N SER A 33 14.06 -28.85 -14.74
CA SER A 33 12.94 -29.71 -14.42
C SER A 33 13.12 -30.30 -13.03
N PRO A 34 12.05 -30.81 -12.43
CA PRO A 34 12.19 -31.49 -11.13
C PRO A 34 13.26 -32.57 -11.12
N ASN A 35 13.48 -33.26 -12.24
CA ASN A 35 14.58 -34.22 -12.32
C ASN A 35 15.89 -33.53 -12.67
N GLY A 36 15.88 -32.71 -13.73
CA GLY A 36 17.06 -31.92 -14.07
C GLY A 36 17.49 -32.02 -15.52
N LYS A 37 16.76 -32.78 -16.33
CA LYS A 37 17.16 -32.97 -17.73
C LYS A 37 16.83 -31.75 -18.58
N LEU A 38 15.62 -31.22 -18.47
CA LEU A 38 15.22 -30.06 -19.25
C LEU A 38 15.56 -28.77 -18.49
N THR A 39 15.79 -27.72 -19.24
CA THR A 39 16.10 -26.41 -18.68
C THR A 39 15.75 -25.33 -19.70
N VAL A 40 14.96 -24.35 -19.28
CA VAL A 40 14.55 -23.25 -20.15
C VAL A 40 15.39 -22.03 -19.82
N TYR A 41 15.72 -21.24 -20.84
CA TYR A 41 16.55 -20.03 -20.69
C TYR A 41 15.82 -18.86 -21.34
N LEU A 42 15.19 -18.02 -20.53
CA LEU A 42 14.55 -16.81 -21.03
C LEU A 42 15.33 -15.59 -20.56
N GLY A 43 15.46 -14.61 -21.45
CA GLY A 43 16.14 -13.38 -21.13
C GLY A 43 15.31 -12.46 -20.26
N LYS A 44 14.12 -12.12 -20.73
CA LYS A 44 13.19 -11.30 -19.97
C LYS A 44 12.16 -12.17 -19.27
N ARG A 45 11.41 -11.54 -18.37
CA ARG A 45 10.19 -12.13 -17.81
C ARG A 45 9.03 -11.16 -17.88
N ASP A 46 9.25 -9.96 -18.41
CA ASP A 46 8.20 -9.00 -18.71
C ASP A 46 8.34 -8.63 -20.18
N PHE A 47 7.28 -8.84 -20.96
CA PHE A 47 7.31 -8.61 -22.40
C PHE A 47 6.33 -7.50 -22.74
N VAL A 48 6.87 -6.36 -23.16
CA VAL A 48 6.07 -5.15 -23.32
C VAL A 48 5.14 -5.29 -24.51
N ASP A 49 3.87 -5.02 -24.30
CA ASP A 49 2.89 -5.02 -25.39
C ASP A 49 2.79 -3.63 -26.00
N HIS A 50 3.66 -3.32 -26.95
CA HIS A 50 3.38 -2.21 -27.85
C HIS A 50 2.13 -2.55 -28.64
N ILE A 51 1.22 -1.58 -28.76
CA ILE A 51 -0.12 -1.89 -29.23
C ILE A 51 -0.10 -2.51 -30.63
N ASP A 52 0.91 -2.16 -31.44
CA ASP A 52 1.05 -2.79 -32.74
C ASP A 52 1.61 -4.21 -32.62
N LEU A 53 2.62 -4.40 -31.77
CA LEU A 53 3.33 -5.67 -31.72
C LEU A 53 3.82 -5.93 -30.30
N VAL A 54 3.79 -7.20 -29.91
CA VAL A 54 4.27 -7.65 -28.61
C VAL A 54 5.67 -8.21 -28.78
N ASP A 55 6.53 -7.96 -27.81
CA ASP A 55 7.91 -8.42 -27.88
C ASP A 55 7.95 -9.94 -27.98
N PRO A 56 8.75 -10.51 -28.87
CA PRO A 56 8.80 -11.97 -29.00
C PRO A 56 9.29 -12.63 -27.72
N VAL A 57 8.71 -13.79 -27.41
CA VAL A 57 9.13 -14.57 -26.23
C VAL A 57 10.20 -15.52 -26.74
N ASP A 58 11.43 -15.03 -26.79
CA ASP A 58 12.57 -15.80 -27.24
C ASP A 58 13.22 -16.52 -26.06
N GLY A 59 13.66 -17.75 -26.31
CA GLY A 59 14.28 -18.55 -25.27
C GLY A 59 15.10 -19.67 -25.85
N VAL A 60 15.58 -20.53 -24.96
CA VAL A 60 16.45 -21.65 -25.34
C VAL A 60 16.21 -22.79 -24.37
N VAL A 61 15.99 -23.98 -24.90
CA VAL A 61 15.76 -25.18 -24.10
C VAL A 61 16.95 -26.11 -24.28
N LEU A 62 17.53 -26.56 -23.17
CA LEU A 62 18.69 -27.44 -23.18
C LEU A 62 18.23 -28.84 -22.80
N VAL A 63 18.49 -29.81 -23.68
CA VAL A 63 17.95 -31.16 -23.55
C VAL A 63 19.11 -32.15 -23.42
N ASP A 64 18.78 -33.39 -23.06
CA ASP A 64 19.75 -34.47 -22.83
C ASP A 64 19.33 -35.70 -23.63
N PRO A 65 19.77 -35.82 -24.89
CA PRO A 65 19.43 -36.97 -25.72
C PRO A 65 19.44 -38.34 -25.04
N GLU A 66 20.37 -38.54 -24.10
CA GLU A 66 20.49 -39.87 -23.48
C GLU A 66 19.23 -40.23 -22.70
N TYR A 67 18.67 -39.27 -21.97
CA TYR A 67 17.43 -39.53 -21.23
C TYR A 67 16.22 -39.55 -22.15
N LEU A 68 16.20 -38.69 -23.16
CA LEU A 68 14.98 -38.51 -23.96
C LEU A 68 14.64 -39.77 -24.75
N LYS A 69 15.65 -40.41 -25.36
CA LYS A 69 15.46 -41.62 -26.16
C LYS A 69 14.50 -41.36 -27.32
N GLU A 70 14.92 -40.45 -28.20
CA GLU A 70 14.20 -40.14 -29.44
C GLU A 70 12.77 -39.65 -29.18
N ARG A 71 12.62 -38.80 -28.18
CA ARG A 71 11.36 -38.11 -27.93
C ARG A 71 11.45 -36.69 -28.47
N ARG A 72 10.40 -35.91 -28.21
CA ARG A 72 10.32 -34.53 -28.67
C ARG A 72 10.21 -33.59 -27.48
N VAL A 73 10.67 -32.36 -27.68
CA VAL A 73 10.61 -31.32 -26.67
C VAL A 73 9.73 -30.21 -27.21
N TYR A 74 8.47 -30.20 -26.80
CA TYR A 74 7.55 -29.13 -27.16
C TYR A 74 7.63 -28.01 -26.14
N VAL A 75 7.43 -26.78 -26.61
CA VAL A 75 7.38 -25.60 -25.76
C VAL A 75 6.05 -24.91 -26.01
N THR A 76 5.29 -24.70 -24.94
CA THR A 76 3.96 -24.14 -25.02
C THR A 76 3.90 -22.79 -24.33
N LEU A 77 3.35 -21.80 -25.01
CA LEU A 77 2.99 -20.52 -24.41
C LEU A 77 1.49 -20.49 -24.21
N THR A 78 1.07 -20.20 -22.98
CA THR A 78 -0.33 -20.31 -22.60
C THR A 78 -0.81 -19.02 -21.93
N CYS A 79 -2.00 -18.58 -22.30
CA CYS A 79 -2.71 -17.51 -21.61
C CYS A 79 -3.94 -18.13 -20.97
N ALA A 80 -3.96 -18.18 -19.64
CA ALA A 80 -4.98 -18.92 -18.89
C ALA A 80 -5.65 -18.01 -17.88
N PHE A 81 -6.98 -17.97 -17.93
CA PHE A 81 -7.80 -17.23 -16.97
C PHE A 81 -8.11 -18.15 -15.79
N ARG A 82 -7.54 -17.85 -14.63
CA ARG A 82 -7.80 -18.62 -13.43
C ARG A 82 -9.05 -18.08 -12.74
N TYR A 83 -9.86 -18.98 -12.19
CA TYR A 83 -11.11 -18.58 -11.56
C TYR A 83 -11.44 -19.56 -10.45
N GLY A 84 -12.37 -19.15 -9.58
CA GLY A 84 -12.79 -19.95 -8.46
C GLY A 84 -14.25 -20.36 -8.57
N ARG A 85 -14.66 -21.23 -7.63
CA ARG A 85 -16.03 -21.71 -7.54
C ARG A 85 -16.54 -21.48 -6.13
N GLU A 86 -17.72 -20.90 -6.00
CA GLU A 86 -18.34 -20.72 -4.70
C GLU A 86 -19.27 -21.87 -4.31
N ASP A 87 -19.54 -22.80 -5.24
CA ASP A 87 -20.41 -23.93 -4.93
C ASP A 87 -19.69 -24.99 -4.10
N LEU A 88 -18.41 -25.21 -4.36
CA LEU A 88 -17.68 -26.29 -3.72
C LEU A 88 -17.55 -26.06 -2.22
N ASP A 89 -17.70 -27.13 -1.45
CA ASP A 89 -17.56 -27.04 0.00
C ASP A 89 -16.14 -26.64 0.39
N VAL A 90 -15.14 -27.20 -0.30
CA VAL A 90 -13.74 -26.88 -0.05
C VAL A 90 -13.46 -25.46 -0.50
N LEU A 91 -12.33 -24.91 -0.09
CA LEU A 91 -11.97 -23.54 -0.41
C LEU A 91 -10.58 -23.50 -1.05
N GLY A 92 -10.38 -22.51 -1.91
CA GLY A 92 -9.11 -22.34 -2.58
C GLY A 92 -8.91 -23.17 -3.82
N LEU A 93 -9.86 -24.03 -4.16
CA LEU A 93 -9.76 -24.88 -5.35
C LEU A 93 -10.07 -24.02 -6.57
N THR A 94 -9.04 -23.38 -7.10
CA THR A 94 -9.19 -22.57 -8.30
C THR A 94 -9.19 -23.46 -9.54
N PHE A 95 -9.49 -22.85 -10.68
CA PHE A 95 -9.49 -23.55 -11.96
C PHE A 95 -8.67 -22.76 -12.97
N ARG A 96 -8.67 -23.18 -14.22
CA ARG A 96 -8.00 -22.45 -15.28
C ARG A 96 -8.84 -22.54 -16.55
N LYS A 97 -8.75 -21.51 -17.38
CA LYS A 97 -9.57 -21.41 -18.59
C LYS A 97 -8.69 -20.79 -19.68
N ASP A 98 -8.15 -21.64 -20.55
CA ASP A 98 -7.22 -21.19 -21.57
C ASP A 98 -7.90 -20.25 -22.56
N LEU A 99 -7.20 -19.18 -22.93
CA LEU A 99 -7.66 -18.29 -23.98
C LEU A 99 -6.61 -18.01 -25.04
N PHE A 100 -5.40 -18.54 -24.89
CA PHE A 100 -4.41 -18.54 -25.96
C PHE A 100 -3.42 -19.68 -25.68
N VAL A 101 -3.24 -20.56 -26.67
CA VAL A 101 -2.29 -21.66 -26.59
C VAL A 101 -1.48 -21.68 -27.87
N ALA A 102 -0.16 -21.73 -27.74
CA ALA A 102 0.75 -21.85 -28.87
C ALA A 102 1.75 -22.95 -28.58
N ASN A 103 2.10 -23.72 -29.61
CA ASN A 103 2.97 -24.87 -29.46
C ASN A 103 4.13 -24.75 -30.43
N VAL A 104 5.30 -25.23 -30.01
CA VAL A 104 6.52 -25.18 -30.82
C VAL A 104 7.35 -26.40 -30.49
N GLN A 105 7.72 -27.17 -31.51
CA GLN A 105 8.65 -28.28 -31.36
C GLN A 105 10.06 -27.79 -31.61
N SER A 106 10.99 -28.11 -30.72
CA SER A 106 12.31 -27.50 -30.74
C SER A 106 13.46 -28.49 -30.93
N PHE A 107 13.33 -29.73 -30.44
CA PHE A 107 14.45 -30.66 -30.56
C PHE A 107 14.65 -31.08 -32.02
N PRO A 108 13.66 -31.66 -32.70
CA PRO A 108 13.76 -31.79 -34.16
C PRO A 108 13.25 -30.54 -34.87
N PRO A 109 14.10 -29.54 -35.08
CA PRO A 109 13.61 -28.26 -35.60
C PRO A 109 13.11 -28.40 -37.03
N ALA A 110 11.82 -28.14 -37.22
CA ALA A 110 11.20 -28.24 -38.53
C ALA A 110 9.93 -27.41 -38.60
N LYS A 115 12.27 -17.13 -39.74
CA LYS A 115 12.40 -16.64 -38.38
C LYS A 115 13.66 -17.18 -37.71
N PRO A 116 14.80 -16.56 -37.99
CA PRO A 116 16.06 -17.05 -37.41
C PRO A 116 16.19 -16.75 -35.93
N LEU A 117 17.33 -17.09 -35.35
CA LEU A 117 17.57 -16.89 -33.93
C LEU A 117 17.85 -15.42 -33.64
N THR A 118 17.83 -15.08 -32.35
CA THR A 118 18.12 -13.74 -31.87
C THR A 118 19.53 -13.70 -31.27
N ARG A 119 20.02 -12.48 -31.03
CA ARG A 119 21.36 -12.32 -30.50
C ARG A 119 21.50 -12.98 -29.13
N LEU A 120 20.48 -12.83 -28.27
CA LEU A 120 20.48 -13.52 -27.00
C LEU A 120 20.43 -15.03 -27.19
N GLN A 121 19.59 -15.48 -28.13
CA GLN A 121 19.53 -16.91 -28.44
C GLN A 121 20.86 -17.42 -29.00
N GLU A 122 21.50 -16.63 -29.86
CA GLU A 122 22.80 -17.01 -30.39
C GLU A 122 23.83 -17.12 -29.28
N ARG A 123 23.83 -16.17 -28.34
CA ARG A 123 24.78 -16.22 -27.23
C ARG A 123 24.54 -17.44 -26.35
N LEU A 124 23.28 -17.74 -26.04
CA LEU A 124 22.98 -18.91 -25.23
C LEU A 124 23.37 -20.20 -25.94
N ILE A 125 23.13 -20.27 -27.25
CA ILE A 125 23.51 -21.46 -28.01
C ILE A 125 25.02 -21.63 -28.02
N LYS A 126 25.75 -20.54 -28.23
CA LYS A 126 27.21 -20.61 -28.21
C LYS A 126 27.73 -21.03 -26.85
N LYS A 127 27.12 -20.52 -25.78
CA LYS A 127 27.59 -20.87 -24.43
C LYS A 127 27.12 -22.25 -23.98
N LEU A 128 26.14 -22.84 -24.65
CA LEU A 128 25.63 -24.16 -24.29
C LEU A 128 25.90 -25.22 -25.34
N GLY A 129 26.48 -24.86 -26.48
CA GLY A 129 26.84 -25.84 -27.49
C GLY A 129 25.73 -26.21 -28.44
N GLU A 130 25.66 -27.50 -28.80
CA GLU A 130 24.69 -27.98 -29.78
C GLU A 130 23.43 -28.54 -29.15
N HIS A 131 23.46 -28.96 -27.88
CA HIS A 131 22.31 -29.52 -27.21
C HIS A 131 21.38 -28.46 -26.63
N ALA A 132 21.48 -27.22 -27.11
CA ALA A 132 20.54 -26.16 -26.78
C ALA A 132 19.77 -25.79 -28.03
N TYR A 133 18.44 -25.80 -27.93
CA TYR A 133 17.59 -25.64 -29.10
C TYR A 133 16.67 -24.44 -28.90
N PRO A 134 16.80 -23.38 -29.69
CA PRO A 134 16.05 -22.16 -29.45
C PRO A 134 14.58 -22.29 -29.82
N PHE A 135 13.77 -21.46 -29.16
CA PHE A 135 12.37 -21.32 -29.49
C PHE A 135 12.00 -19.85 -29.46
N THR A 136 10.96 -19.49 -30.21
CA THR A 136 10.44 -18.14 -30.18
C THR A 136 8.93 -18.20 -30.25
N PHE A 137 8.29 -17.21 -29.65
CA PHE A 137 6.84 -17.07 -29.68
C PHE A 137 6.48 -15.66 -30.10
N GLU A 138 5.47 -15.55 -30.95
CA GLU A 138 4.84 -14.28 -31.25
C GLU A 138 3.49 -14.25 -30.55
N ILE A 139 3.31 -13.28 -29.65
CA ILE A 139 2.03 -13.08 -28.97
C ILE A 139 1.19 -12.15 -29.83
N PRO A 140 0.06 -12.60 -30.35
CA PRO A 140 -0.74 -11.75 -31.23
C PRO A 140 -1.28 -10.55 -30.47
N PRO A 141 -1.48 -9.42 -31.14
CA PRO A 141 -2.06 -8.27 -30.47
C PRO A 141 -3.49 -8.54 -30.02
N ASN A 142 -4.02 -7.63 -29.21
CA ASN A 142 -5.36 -7.74 -28.65
C ASN A 142 -5.49 -8.94 -27.73
N LEU A 143 -4.39 -9.34 -27.10
CA LEU A 143 -4.49 -10.31 -26.02
C LEU A 143 -4.38 -9.61 -24.67
N PRO A 144 -5.02 -10.17 -23.64
CA PRO A 144 -5.01 -9.48 -22.33
C PRO A 144 -3.62 -9.46 -21.72
N CYS A 145 -3.38 -8.44 -20.90
CA CYS A 145 -2.16 -8.32 -20.13
C CYS A 145 -2.33 -9.00 -18.78
N SER A 146 -1.21 -9.25 -18.12
CA SER A 146 -1.21 -9.96 -16.84
C SER A 146 -1.90 -9.10 -15.77
N VAL A 147 -3.12 -9.47 -15.42
CA VAL A 147 -3.88 -8.80 -14.38
C VAL A 147 -4.21 -9.82 -13.30
N THR A 148 -4.10 -9.40 -12.04
CA THR A 148 -4.44 -10.24 -10.90
C THR A 148 -5.55 -9.57 -10.12
N LEU A 149 -6.62 -10.30 -9.86
CA LEU A 149 -7.71 -9.80 -9.03
C LEU A 149 -7.33 -9.99 -7.56
N GLN A 150 -7.57 -8.96 -6.76
CA GLN A 150 -7.13 -8.99 -5.37
C GLN A 150 -7.92 -10.03 -4.59
N PRO A 151 -7.26 -11.02 -3.99
CA PRO A 151 -7.99 -12.04 -3.25
C PRO A 151 -8.45 -11.52 -1.89
N GLY A 152 -9.49 -12.16 -1.37
CA GLY A 152 -10.01 -11.83 -0.06
C GLY A 152 -9.12 -12.38 1.03
N PRO A 153 -9.35 -11.94 2.27
CA PRO A 153 -8.55 -12.47 3.39
C PRO A 153 -8.93 -13.89 3.78
N GLU A 154 -10.14 -14.33 3.46
CA GLU A 154 -10.55 -15.70 3.74
C GLU A 154 -10.11 -16.68 2.66
N ASP A 155 -9.65 -16.20 1.51
CA ASP A 155 -9.15 -17.07 0.47
C ASP A 155 -7.80 -17.65 0.86
N THR A 156 -7.53 -18.87 0.39
CA THR A 156 -6.30 -19.58 0.73
C THR A 156 -5.66 -20.23 -0.49
N GLY A 157 -6.07 -19.86 -1.69
CA GLY A 157 -5.52 -20.45 -2.90
C GLY A 157 -4.85 -19.45 -3.80
N LYS A 158 -4.55 -19.86 -5.03
CA LYS A 158 -3.94 -18.97 -6.00
C LYS A 158 -4.94 -17.90 -6.45
N ALA A 159 -4.42 -16.72 -6.73
CA ALA A 159 -5.26 -15.60 -7.12
C ALA A 159 -5.85 -15.83 -8.52
N CYS A 160 -6.91 -15.10 -8.81
CA CYS A 160 -7.57 -15.14 -10.11
C CYS A 160 -7.07 -14.00 -10.99
N GLY A 161 -7.24 -14.17 -12.29
CA GLY A 161 -6.87 -13.18 -13.26
C GLY A 161 -6.25 -13.82 -14.48
N VAL A 162 -5.63 -12.99 -15.30
CA VAL A 162 -4.98 -13.44 -16.53
C VAL A 162 -3.50 -13.66 -16.24
N ASP A 163 -3.01 -14.86 -16.52
CA ASP A 163 -1.63 -15.22 -16.28
C ASP A 163 -1.05 -15.93 -17.50
N TYR A 164 0.16 -15.54 -17.89
CA TYR A 164 0.89 -16.20 -18.95
C TYR A 164 1.86 -17.22 -18.37
N GLU A 165 2.33 -18.12 -19.23
CA GLU A 165 3.17 -19.21 -18.78
C GLU A 165 3.94 -19.77 -19.96
N VAL A 166 5.18 -20.17 -19.70
CA VAL A 166 6.01 -20.87 -20.68
C VAL A 166 6.27 -22.25 -20.13
N LYS A 167 5.94 -23.28 -20.91
CA LYS A 167 6.05 -24.66 -20.46
C LYS A 167 6.76 -25.47 -21.55
N ALA A 168 7.89 -26.05 -21.19
CA ALA A 168 8.64 -26.96 -22.05
C ALA A 168 8.66 -28.33 -21.40
N PHE A 169 8.37 -29.37 -22.18
CA PHE A 169 8.26 -30.72 -21.64
C PHE A 169 8.73 -31.72 -22.68
N CYS A 170 9.10 -32.91 -22.19
CA CYS A 170 9.54 -34.00 -23.03
C CYS A 170 8.39 -34.99 -23.19
N ALA A 171 7.82 -35.04 -24.40
CA ALA A 171 6.70 -35.92 -24.68
C ALA A 171 6.76 -36.34 -26.15
N GLU A 172 6.44 -37.61 -26.40
CA GLU A 172 6.44 -38.11 -27.77
C GLU A 172 5.24 -37.57 -28.55
N ASN A 173 4.08 -37.48 -27.89
CA ASN A 173 2.87 -36.95 -28.50
C ASN A 173 2.43 -35.71 -27.75
N LEU A 174 1.79 -34.79 -28.48
CA LEU A 174 1.19 -33.63 -27.82
C LEU A 174 0.08 -34.05 -26.89
N GLU A 175 -0.75 -35.01 -27.31
CA GLU A 175 -1.88 -35.47 -26.52
C GLU A 175 -1.48 -36.37 -25.35
N GLU A 176 -0.24 -36.84 -25.32
CA GLU A 176 0.21 -37.70 -24.23
C GLU A 176 0.20 -36.94 -22.91
N LYS A 177 0.05 -37.69 -21.82
CA LYS A 177 0.03 -37.09 -20.50
C LYS A 177 1.38 -36.45 -20.18
N ILE A 178 1.32 -35.23 -19.64
CA ILE A 178 2.54 -34.47 -19.33
C ILE A 178 2.86 -34.76 -17.86
N HIS A 179 3.73 -35.75 -17.64
CA HIS A 179 4.24 -36.00 -16.30
C HIS A 179 5.09 -34.81 -15.87
N LYS A 180 4.80 -34.28 -14.67
CA LYS A 180 5.44 -33.06 -14.22
C LYS A 180 6.94 -33.24 -14.00
N ARG A 181 7.42 -34.48 -13.89
CA ARG A 181 8.83 -34.72 -13.64
C ARG A 181 9.71 -34.17 -14.76
N ASN A 182 9.23 -34.20 -15.99
CA ASN A 182 10.03 -33.77 -17.12
C ASN A 182 9.40 -32.58 -17.83
N SER A 183 8.95 -31.60 -17.06
CA SER A 183 8.38 -30.37 -17.61
C SER A 183 8.80 -29.21 -16.72
N VAL A 184 8.86 -28.02 -17.32
CA VAL A 184 9.26 -26.81 -16.61
C VAL A 184 8.23 -25.73 -16.90
N ARG A 185 7.60 -25.23 -15.85
CA ARG A 185 6.63 -24.14 -15.95
C ARG A 185 7.29 -22.84 -15.49
N LEU A 186 7.26 -21.83 -16.35
CA LEU A 186 7.82 -20.52 -16.02
C LEU A 186 6.78 -19.46 -16.34
N VAL A 187 6.49 -18.62 -15.36
CA VAL A 187 5.51 -17.56 -15.51
C VAL A 187 6.17 -16.36 -16.15
N ILE A 188 5.48 -15.75 -17.12
CA ILE A 188 5.94 -14.52 -17.75
C ILE A 188 4.78 -13.53 -17.71
N ARG A 189 5.11 -12.25 -17.80
CA ARG A 189 4.13 -11.19 -17.69
C ARG A 189 4.11 -10.35 -18.96
N LYS A 190 2.92 -10.17 -19.52
CA LYS A 190 2.71 -9.22 -20.59
C LYS A 190 2.29 -7.89 -19.98
N VAL A 191 3.04 -6.83 -20.28
CA VAL A 191 2.89 -5.56 -19.60
C VAL A 191 2.81 -4.44 -20.63
N GLN A 192 2.34 -3.29 -20.16
CA GLN A 192 2.25 -2.08 -20.97
C GLN A 192 2.79 -0.91 -20.16
N TYR A 193 3.23 0.13 -20.86
CA TYR A 193 3.79 1.31 -20.23
C TYR A 193 3.11 2.54 -20.79
N ALA A 194 3.25 3.65 -20.06
CA ALA A 194 2.50 4.85 -20.38
C ALA A 194 2.91 5.37 -21.76
N PRO A 195 1.95 5.80 -22.58
CA PRO A 195 2.29 6.40 -23.87
C PRO A 195 3.10 7.68 -23.68
N GLU A 196 4.08 7.89 -24.55
CA GLU A 196 4.92 9.07 -24.46
C GLU A 196 4.12 10.35 -24.73
N ARG A 197 3.23 10.31 -25.72
CA ARG A 197 2.50 11.51 -26.11
C ARG A 197 1.39 11.80 -25.11
N PRO A 198 1.37 12.98 -24.49
CA PRO A 198 0.26 13.33 -23.59
C PRO A 198 -1.05 13.46 -24.35
N GLY A 199 -2.13 13.06 -23.70
CA GLY A 199 -3.45 13.13 -24.29
C GLY A 199 -4.16 14.43 -23.97
N PRO A 200 -5.36 14.60 -24.52
CA PRO A 200 -6.15 15.80 -24.19
C PRO A 200 -6.58 15.80 -22.74
N GLN A 201 -6.72 17.00 -22.19
CA GLN A 201 -7.07 17.14 -20.78
C GLN A 201 -8.50 16.66 -20.54
N PRO A 202 -8.73 15.80 -19.55
CA PRO A 202 -10.10 15.38 -19.25
C PRO A 202 -10.95 16.56 -18.81
N THR A 203 -12.23 16.53 -19.21
CA THR A 203 -13.15 17.61 -18.93
C THR A 203 -14.59 17.18 -19.22
N ALA A 204 -15.51 17.44 -18.29
CA ALA A 204 -16.91 17.11 -18.49
C ALA A 204 -17.77 18.15 -17.79
N GLU A 205 -19.02 18.26 -18.22
CA GLU A 205 -19.94 19.25 -17.67
C GLU A 205 -21.37 18.74 -17.81
N THR A 206 -22.19 19.03 -16.81
CA THR A 206 -23.61 18.67 -16.84
C THR A 206 -24.45 19.83 -16.31
N THR A 207 -25.69 19.90 -16.79
CA THR A 207 -26.69 20.84 -16.29
C THR A 207 -27.94 20.06 -15.91
N ARG A 208 -28.46 20.32 -14.71
CA ARG A 208 -29.63 19.61 -14.21
C ARG A 208 -30.69 20.60 -13.75
N GLN A 209 -31.94 20.28 -14.06
CA GLN A 209 -33.09 21.08 -13.64
C GLN A 209 -33.99 20.21 -12.76
N PHE A 210 -34.33 20.72 -11.59
CA PHE A 210 -35.03 19.93 -10.57
C PHE A 210 -36.53 20.20 -10.60
N LEU A 211 -37.15 19.84 -11.73
CA LEU A 211 -38.60 19.89 -11.91
C LEU A 211 -39.17 21.29 -11.67
N MET A 212 -38.35 22.32 -11.88
CA MET A 212 -38.78 23.70 -11.71
C MET A 212 -38.40 24.62 -12.85
N SER A 213 -37.36 24.29 -13.62
CA SER A 213 -36.90 25.11 -14.76
C SER A 213 -36.55 26.52 -14.32
N ASP A 214 -36.18 26.69 -13.05
CA ASP A 214 -35.84 28.02 -12.54
C ASP A 214 -34.55 28.53 -13.19
N LYS A 215 -33.51 27.73 -13.18
CA LYS A 215 -32.21 28.09 -13.73
C LYS A 215 -31.35 26.83 -13.79
N PRO A 216 -30.32 26.82 -14.63
CA PRO A 216 -29.47 25.62 -14.72
C PRO A 216 -28.45 25.53 -13.60
N LEU A 217 -28.31 24.34 -13.02
CA LEU A 217 -27.22 24.06 -12.09
C LEU A 217 -26.04 23.52 -12.89
N HIS A 218 -24.99 24.31 -13.03
CA HIS A 218 -23.85 23.95 -13.86
C HIS A 218 -22.74 23.35 -13.00
N LEU A 219 -22.21 22.22 -13.43
CA LEU A 219 -21.07 21.57 -12.80
C LEU A 219 -20.00 21.33 -13.86
N GLU A 220 -18.76 21.69 -13.55
CA GLU A 220 -17.63 21.45 -14.44
C GLU A 220 -16.47 20.91 -13.62
N ALA A 221 -15.89 19.81 -14.07
CA ALA A 221 -14.73 19.22 -13.43
C ALA A 221 -13.67 18.92 -14.48
N SER A 222 -12.43 18.84 -14.04
CA SER A 222 -11.32 18.53 -14.94
C SER A 222 -10.15 17.99 -14.14
N LEU A 223 -9.24 17.34 -14.85
CA LEU A 223 -7.96 16.90 -14.31
C LEU A 223 -6.84 17.63 -15.02
N ASP A 224 -5.69 17.75 -14.36
CA ASP A 224 -4.59 18.48 -14.96
C ASP A 224 -4.07 17.78 -16.22
N LYS A 225 -3.95 16.46 -16.19
CA LYS A 225 -3.39 15.71 -17.31
C LYS A 225 -4.18 14.44 -17.53
N GLU A 226 -3.88 13.77 -18.65
CA GLU A 226 -4.58 12.54 -19.04
C GLU A 226 -3.92 11.29 -18.47
N ILE A 227 -2.59 11.22 -18.49
CA ILE A 227 -1.85 10.05 -18.06
C ILE A 227 -1.26 10.32 -16.68
N TYR A 228 -1.59 9.46 -15.72
CA TYR A 228 -1.06 9.55 -14.37
C TYR A 228 -0.20 8.33 -14.09
N TYR A 229 0.89 8.53 -13.37
CA TYR A 229 1.71 7.42 -12.93
C TYR A 229 1.24 6.94 -11.58
N HIS A 230 1.62 5.71 -11.24
CA HIS A 230 1.17 5.11 -10.00
C HIS A 230 1.82 5.82 -8.82
N GLY A 231 1.00 6.24 -7.86
CA GLY A 231 1.47 7.00 -6.73
C GLY A 231 1.41 8.50 -6.88
N GLU A 232 1.11 9.00 -8.06
CA GLU A 232 1.04 10.44 -8.20
C GLU A 232 -0.35 10.97 -7.82
N PRO A 233 -0.43 12.19 -7.33
CA PRO A 233 -1.74 12.76 -7.01
C PRO A 233 -2.52 13.12 -8.25
N ILE A 234 -3.84 13.05 -8.14
CA ILE A 234 -4.74 13.40 -9.23
C ILE A 234 -5.46 14.67 -8.82
N SER A 235 -5.20 15.76 -9.53
CA SER A 235 -5.70 17.08 -9.16
C SER A 235 -7.01 17.35 -9.89
N VAL A 236 -8.11 17.34 -9.16
CA VAL A 236 -9.43 17.55 -9.72
C VAL A 236 -9.83 19.00 -9.49
N ASN A 237 -10.07 19.72 -10.57
CA ASN A 237 -10.45 21.13 -10.51
C ASN A 237 -11.95 21.23 -10.74
N VAL A 238 -12.70 21.19 -9.66
CA VAL A 238 -14.16 21.27 -9.71
C VAL A 238 -14.59 22.72 -9.79
N HIS A 239 -15.62 22.99 -10.59
CA HIS A 239 -16.10 24.36 -10.80
C HIS A 239 -17.62 24.32 -10.92
N VAL A 240 -18.31 24.64 -9.83
CA VAL A 240 -19.76 24.62 -9.78
C VAL A 240 -20.28 26.04 -9.97
N THR A 241 -21.27 26.20 -10.85
CA THR A 241 -21.88 27.51 -11.11
C THR A 241 -23.39 27.35 -10.94
N ASN A 242 -23.85 27.54 -9.71
CA ASN A 242 -25.26 27.37 -9.38
C ASN A 242 -26.02 28.67 -9.69
N ASN A 243 -27.16 28.51 -10.36
CA ASN A 243 -28.08 29.62 -10.59
C ASN A 243 -29.48 29.32 -10.10
N THR A 244 -29.73 28.11 -9.59
CA THR A 244 -31.06 27.69 -9.15
C THR A 244 -31.36 28.27 -7.78
N ASN A 245 -32.43 27.78 -7.15
CA ASN A 245 -32.80 28.14 -5.79
C ASN A 245 -32.62 26.97 -4.84
N LYS A 246 -31.53 26.22 -5.02
CA LYS A 246 -31.24 25.04 -4.23
C LYS A 246 -29.79 25.09 -3.76
N THR A 247 -29.53 24.38 -2.67
CA THR A 247 -28.23 24.42 -1.99
C THR A 247 -27.49 23.11 -2.19
N VAL A 248 -26.26 23.21 -2.68
CA VAL A 248 -25.40 22.04 -2.85
C VAL A 248 -24.81 21.70 -1.49
N LYS A 249 -25.32 20.63 -0.87
CA LYS A 249 -24.94 20.32 0.50
C LYS A 249 -23.50 19.82 0.59
N LYS A 250 -23.12 18.89 -0.29
CA LYS A 250 -21.80 18.29 -0.21
C LYS A 250 -21.28 18.00 -1.61
N ILE A 251 -19.95 17.88 -1.72
CA ILE A 251 -19.27 17.54 -2.96
C ILE A 251 -18.34 16.37 -2.68
N LYS A 252 -18.58 15.25 -3.34
CA LYS A 252 -17.78 14.04 -3.16
C LYS A 252 -17.01 13.75 -4.45
N ILE A 253 -15.71 13.54 -4.31
CA ILE A 253 -14.85 13.18 -5.43
C ILE A 253 -14.34 11.77 -5.18
N SER A 254 -14.58 10.87 -6.13
CA SER A 254 -14.20 9.47 -6.00
C SER A 254 -13.43 9.04 -7.24
N VAL A 255 -12.38 8.24 -7.02
CA VAL A 255 -11.65 7.60 -8.10
C VAL A 255 -12.09 6.14 -8.16
N ARG A 256 -12.67 5.74 -9.27
CA ARG A 256 -13.25 4.41 -9.43
C ARG A 256 -12.50 3.63 -10.48
N GLN A 257 -12.32 2.34 -10.22
CA GLN A 257 -11.68 1.42 -11.15
C GLN A 257 -12.74 0.57 -11.84
N TYR A 258 -12.69 0.53 -13.16
CA TYR A 258 -13.62 -0.27 -13.96
C TYR A 258 -12.88 -1.48 -14.49
N ALA A 259 -13.43 -2.67 -14.25
CA ALA A 259 -12.84 -3.92 -14.73
C ALA A 259 -13.88 -4.66 -15.57
N ASP A 260 -13.59 -4.82 -16.85
CA ASP A 260 -14.43 -5.59 -17.76
C ASP A 260 -13.89 -7.01 -17.82
N ILE A 261 -14.49 -7.92 -17.05
CA ILE A 261 -14.09 -9.32 -17.02
C ILE A 261 -15.02 -10.09 -17.94
N CYS A 262 -14.43 -10.92 -18.81
CA CYS A 262 -15.21 -11.67 -19.79
C CYS A 262 -14.93 -13.17 -19.66
N LEU A 263 -14.98 -13.67 -18.43
CA LEU A 263 -14.64 -15.08 -18.19
C LEU A 263 -15.61 -16.02 -18.89
N PHE A 264 -16.90 -15.83 -18.68
CA PHE A 264 -17.92 -16.62 -19.37
C PHE A 264 -18.93 -15.75 -20.10
N ASN A 265 -19.34 -14.63 -19.49
CA ASN A 265 -20.17 -13.64 -20.15
C ASN A 265 -19.60 -12.26 -19.86
N THR A 266 -19.74 -11.36 -20.83
CA THR A 266 -19.19 -10.02 -20.68
C THR A 266 -19.83 -9.32 -19.50
N ALA A 267 -19.00 -8.93 -18.53
CA ALA A 267 -19.45 -8.29 -17.31
C ALA A 267 -18.80 -6.91 -17.18
N GLN A 268 -19.03 -6.29 -16.03
CA GLN A 268 -18.46 -4.98 -15.71
C GLN A 268 -18.45 -4.82 -14.20
N TYR A 269 -17.41 -4.20 -13.68
CA TYR A 269 -17.30 -4.02 -12.23
C TYR A 269 -16.82 -2.60 -11.95
N LYS A 270 -17.17 -2.12 -10.75
CA LYS A 270 -16.74 -0.81 -10.28
C LYS A 270 -16.16 -0.96 -8.88
N CYS A 271 -15.18 -0.13 -8.59
CA CYS A 271 -14.58 -0.10 -7.26
C CYS A 271 -13.94 1.26 -7.01
N PRO A 272 -14.43 2.01 -6.03
CA PRO A 272 -13.75 3.27 -5.67
C PRO A 272 -12.41 3.01 -5.01
N VAL A 273 -11.32 3.38 -5.69
CA VAL A 273 -9.98 3.23 -5.11
C VAL A 273 -9.56 4.45 -4.32
N ALA A 274 -10.28 5.56 -4.43
CA ALA A 274 -10.02 6.75 -3.64
C ALA A 274 -11.30 7.55 -3.56
N MET A 275 -11.45 8.33 -2.48
CA MET A 275 -12.66 9.10 -2.28
C MET A 275 -12.35 10.27 -1.37
N GLU A 276 -12.94 11.43 -1.68
CA GLU A 276 -12.83 12.63 -0.86
C GLU A 276 -14.24 13.18 -0.66
N GLU A 277 -14.71 13.18 0.57
CA GLU A 277 -16.01 13.76 0.92
C GLU A 277 -15.77 15.12 1.56
N ALA A 278 -16.26 16.17 0.91
CA ALA A 278 -16.07 17.54 1.36
C ALA A 278 -17.41 18.19 1.61
N ASP A 279 -17.52 18.89 2.74
CA ASP A 279 -18.76 19.56 3.14
C ASP A 279 -18.88 20.95 2.54
N ASP A 280 -18.16 21.23 1.45
CA ASP A 280 -18.24 22.54 0.82
C ASP A 280 -19.67 22.80 0.31
N THR A 281 -20.19 23.97 0.63
CA THR A 281 -21.58 24.31 0.35
C THR A 281 -21.65 25.45 -0.66
N VAL A 282 -22.55 25.33 -1.62
CA VAL A 282 -22.77 26.34 -2.65
C VAL A 282 -24.18 26.88 -2.48
N ALA A 283 -24.28 28.19 -2.27
CA ALA A 283 -25.56 28.85 -2.10
C ALA A 283 -26.19 29.18 -3.45
N PRO A 284 -27.51 29.36 -3.49
CA PRO A 284 -28.15 29.74 -4.75
C PRO A 284 -27.57 31.04 -5.30
N SER A 285 -27.45 31.10 -6.63
CA SER A 285 -26.84 32.24 -7.31
C SER A 285 -25.42 32.50 -6.80
N SER A 286 -24.65 31.44 -6.63
CA SER A 286 -23.25 31.55 -6.22
C SER A 286 -22.42 30.54 -7.00
N THR A 287 -21.15 30.86 -7.18
CA THR A 287 -20.20 29.99 -7.86
C THR A 287 -19.17 29.47 -6.86
N PHE A 288 -18.72 28.24 -7.08
CA PHE A 288 -17.75 27.61 -6.19
C PHE A 288 -16.65 26.99 -7.02
N CYS A 289 -15.40 27.31 -6.70
CA CYS A 289 -14.24 26.75 -7.37
C CYS A 289 -13.26 26.22 -6.33
N LYS A 290 -12.87 24.96 -6.48
CA LYS A 290 -11.87 24.37 -5.60
C LYS A 290 -11.14 23.29 -6.37
N VAL A 291 -9.92 22.99 -5.91
CA VAL A 291 -9.10 21.95 -6.51
C VAL A 291 -8.92 20.86 -5.46
N TYR A 292 -9.49 19.70 -5.72
CA TYR A 292 -9.36 18.55 -4.83
C TYR A 292 -8.26 17.64 -5.35
N THR A 293 -7.43 17.15 -4.43
CA THR A 293 -6.30 16.29 -4.77
C THR A 293 -6.46 14.96 -4.05
N LEU A 294 -6.56 13.89 -4.82
CA LEU A 294 -6.68 12.54 -4.27
C LEU A 294 -5.70 11.62 -5.00
N THR A 295 -5.19 10.64 -4.26
CA THR A 295 -4.17 9.72 -4.79
C THR A 295 -4.64 8.29 -4.58
N PRO A 296 -4.81 7.50 -5.64
CA PRO A 296 -5.09 6.08 -5.46
C PRO A 296 -3.85 5.32 -5.02
N PHE A 297 -4.03 4.44 -4.05
CA PHE A 297 -2.94 3.58 -3.60
C PHE A 297 -3.55 2.36 -2.91
N LEU A 298 -2.73 1.34 -2.73
CA LEU A 298 -3.22 0.04 -2.28
C LEU A 298 -3.43 -0.05 -0.78
N ALA A 299 -2.87 0.88 0.00
CA ALA A 299 -2.90 0.72 1.46
C ALA A 299 -4.33 0.76 2.01
N ASN A 300 -5.17 1.66 1.49
CA ASN A 300 -6.53 1.78 1.96
C ASN A 300 -7.52 0.93 1.18
N ASN A 301 -7.03 0.11 0.24
CA ASN A 301 -7.90 -0.73 -0.58
C ASN A 301 -7.55 -2.21 -0.46
N ARG A 302 -6.89 -2.62 0.63
CA ARG A 302 -6.48 -4.01 0.77
C ARG A 302 -7.64 -4.96 0.99
N GLU A 303 -8.70 -4.50 1.66
CA GLU A 303 -9.82 -5.38 2.01
C GLU A 303 -10.83 -5.54 0.87
N LYS A 304 -10.66 -4.81 -0.23
CA LYS A 304 -11.57 -4.93 -1.38
C LYS A 304 -11.18 -6.16 -2.18
N ARG A 305 -11.84 -7.28 -1.90
CA ARG A 305 -11.63 -8.48 -2.69
C ARG A 305 -12.17 -8.29 -4.11
N GLY A 306 -11.42 -8.79 -5.09
CA GLY A 306 -11.78 -8.61 -6.48
C GLY A 306 -11.23 -7.36 -7.12
N LEU A 307 -10.47 -6.55 -6.38
CA LEU A 307 -9.81 -5.39 -6.96
C LEU A 307 -8.74 -5.82 -7.95
N ALA A 308 -8.69 -5.14 -9.10
CA ALA A 308 -7.74 -5.50 -10.15
C ALA A 308 -6.38 -4.91 -9.85
N LEU A 309 -5.40 -5.79 -9.63
CA LEU A 309 -4.00 -5.41 -9.46
C LEU A 309 -3.21 -5.79 -10.69
N ASP A 310 -1.95 -5.38 -10.73
CA ASP A 310 -1.08 -5.77 -11.82
C ASP A 310 -0.63 -7.22 -11.64
N GLY A 311 -0.07 -7.78 -12.72
CA GLY A 311 0.26 -9.20 -12.70
C GLY A 311 1.32 -9.52 -11.66
N LYS A 312 1.15 -10.66 -11.01
CA LYS A 312 2.04 -11.12 -9.96
C LYS A 312 2.87 -12.29 -10.47
N LEU A 313 4.17 -12.26 -10.21
CA LEU A 313 5.01 -13.39 -10.57
C LEU A 313 4.65 -14.63 -9.76
N LYS A 314 4.83 -14.57 -8.43
CA LYS A 314 4.29 -15.63 -7.59
C LYS A 314 3.23 -15.13 -6.61
N HIS A 315 3.60 -14.32 -5.63
CA HIS A 315 2.61 -13.76 -4.70
C HIS A 315 3.04 -12.41 -4.16
N GLU A 316 3.88 -11.68 -4.88
CA GLU A 316 4.43 -10.44 -4.36
C GLU A 316 3.36 -9.36 -4.30
N ASP A 317 3.72 -8.20 -3.76
CA ASP A 317 2.83 -7.06 -3.71
C ASP A 317 2.95 -6.28 -5.02
N THR A 318 1.82 -6.04 -5.67
CA THR A 318 1.79 -5.27 -6.90
C THR A 318 0.78 -4.15 -6.76
N ASN A 319 1.02 -3.07 -7.49
CA ASN A 319 0.19 -1.88 -7.43
C ASN A 319 -1.20 -2.17 -8.01
N LEU A 320 -2.03 -1.13 -8.03
CA LEU A 320 -3.31 -1.21 -8.74
C LEU A 320 -3.05 -1.42 -10.22
N ALA A 321 -3.94 -2.16 -10.87
CA ALA A 321 -3.74 -2.52 -12.27
C ALA A 321 -3.64 -1.27 -13.14
N SER A 322 -2.74 -1.33 -14.12
CA SER A 322 -2.61 -0.23 -15.06
C SER A 322 -3.76 -0.25 -16.05
N SER A 323 -4.03 0.91 -16.64
CA SER A 323 -5.06 1.01 -17.66
C SER A 323 -4.68 0.13 -18.84
N THR A 324 -5.69 -0.48 -19.46
CA THR A 324 -5.48 -1.37 -20.59
C THR A 324 -5.55 -0.54 -21.88
N LEU A 325 -4.43 -0.43 -22.57
CA LEU A 325 -4.39 0.28 -23.85
C LEU A 325 -4.87 -0.65 -24.96
N LEU A 326 -5.78 -0.16 -25.79
CA LEU A 326 -6.35 -0.93 -26.87
C LEU A 326 -6.18 -0.17 -28.17
N ARG A 327 -6.10 -0.92 -29.28
CA ARG A 327 -5.87 -0.31 -30.58
C ARG A 327 -7.06 0.56 -30.98
N GLU A 328 -6.77 1.62 -31.74
CA GLU A 328 -7.83 2.46 -32.26
C GLU A 328 -8.80 1.65 -33.11
N GLY A 329 -8.28 0.81 -34.01
CA GLY A 329 -9.09 -0.22 -34.63
C GLY A 329 -8.94 -1.51 -33.85
N ALA A 330 -9.90 -1.77 -32.96
CA ALA A 330 -9.81 -2.89 -32.04
C ALA A 330 -10.89 -3.90 -32.36
N ASN A 331 -10.57 -5.19 -32.20
CA ASN A 331 -11.57 -6.23 -32.37
C ASN A 331 -12.66 -6.15 -31.31
N ARG A 332 -12.36 -5.50 -30.17
CA ARG A 332 -13.30 -5.31 -29.06
C ARG A 332 -13.74 -6.64 -28.45
N GLU A 333 -14.44 -6.56 -27.33
CA GLU A 333 -14.94 -7.73 -26.62
C GLU A 333 -13.84 -8.75 -26.38
N ILE A 334 -12.61 -8.28 -26.16
CA ILE A 334 -11.49 -9.20 -26.00
C ILE A 334 -11.61 -9.91 -24.66
N LEU A 335 -11.06 -11.12 -24.59
CA LEU A 335 -11.17 -11.92 -23.40
C LEU A 335 -10.34 -11.33 -22.27
N GLY A 336 -10.46 -11.94 -21.09
CA GLY A 336 -9.70 -11.51 -19.94
C GLY A 336 -10.27 -10.29 -19.23
N ILE A 337 -9.39 -9.46 -18.70
CA ILE A 337 -9.78 -8.31 -17.88
C ILE A 337 -9.25 -7.04 -18.54
N ILE A 338 -10.14 -6.06 -18.69
CA ILE A 338 -9.78 -4.74 -19.21
C ILE A 338 -9.98 -3.74 -18.08
N VAL A 339 -8.93 -3.00 -17.74
CA VAL A 339 -8.92 -2.10 -16.60
C VAL A 339 -9.03 -0.67 -17.08
N SER A 340 -9.92 0.10 -16.45
CA SER A 340 -10.10 1.51 -16.75
C SER A 340 -10.27 2.26 -15.44
N TYR A 341 -10.05 3.57 -15.50
CA TYR A 341 -10.15 4.43 -14.32
C TYR A 341 -10.92 5.69 -14.67
N LYS A 342 -11.80 6.10 -13.77
CA LYS A 342 -12.54 7.34 -13.89
C LYS A 342 -12.53 8.07 -12.56
N VAL A 343 -12.64 9.39 -12.62
CA VAL A 343 -12.80 10.24 -11.45
C VAL A 343 -14.23 10.77 -11.48
N LYS A 344 -14.97 10.54 -10.40
CA LYS A 344 -16.38 10.93 -10.31
C LYS A 344 -16.52 12.06 -9.31
N VAL A 345 -17.09 13.17 -9.75
CA VAL A 345 -17.45 14.27 -8.86
C VAL A 345 -18.97 14.29 -8.74
N LYS A 346 -19.46 14.38 -7.51
CA LYS A 346 -20.88 14.29 -7.21
C LYS A 346 -21.29 15.44 -6.32
N LEU A 347 -22.32 16.18 -6.74
CA LEU A 347 -22.91 17.24 -5.94
C LEU A 347 -24.17 16.71 -5.29
N VAL A 348 -24.19 16.70 -3.96
CA VAL A 348 -25.33 16.20 -3.20
C VAL A 348 -26.22 17.41 -2.89
N VAL A 349 -27.15 17.68 -3.80
CA VAL A 349 -28.06 18.82 -3.67
C VAL A 349 -29.28 18.38 -2.87
N SER A 350 -29.61 19.16 -1.84
CA SER A 350 -30.75 18.88 -0.98
C SER A 350 -31.92 19.78 -1.41
N ARG A 351 -33.04 19.17 -1.76
CA ARG A 351 -34.21 19.93 -2.17
C ARG A 351 -34.82 20.66 -0.98
N GLY A 352 -35.31 21.87 -1.23
CA GLY A 352 -35.87 22.68 -0.17
C GLY A 352 -37.20 23.29 -0.58
N GLY A 353 -38.06 23.47 0.43
CA GLY A 353 -39.36 24.07 0.25
C GLY A 353 -40.52 23.11 0.17
N LEU A 354 -40.25 21.83 -0.11
CA LEU A 354 -41.32 20.85 -0.21
C LEU A 354 -40.96 19.50 0.42
N LEU A 355 -39.86 19.41 1.15
CA LEU A 355 -39.44 18.14 1.74
C LEU A 355 -38.61 18.42 2.99
N GLY A 356 -38.25 17.35 3.68
CA GLY A 356 -37.44 17.45 4.88
C GLY A 356 -35.96 17.22 4.63
N ASP A 357 -35.53 17.52 3.40
CA ASP A 357 -34.15 17.38 2.94
C ASP A 357 -33.68 15.93 2.89
N LEU A 358 -34.58 14.97 3.10
CA LEU A 358 -34.20 13.56 2.95
C LEU A 358 -33.85 13.23 1.51
N ALA A 359 -34.63 13.76 0.56
CA ALA A 359 -34.34 13.54 -0.84
C ALA A 359 -33.11 14.34 -1.26
N SER A 360 -32.33 13.78 -2.18
CA SER A 360 -31.12 14.44 -2.67
C SER A 360 -30.90 14.03 -4.12
N SER A 361 -31.24 14.92 -5.05
CA SER A 361 -31.02 14.67 -6.47
C SER A 361 -29.57 15.03 -6.79
N ASP A 362 -28.73 14.01 -6.95
CA ASP A 362 -27.30 14.21 -7.15
C ASP A 362 -27.00 14.41 -8.63
N VAL A 363 -26.31 15.50 -8.95
CA VAL A 363 -25.73 15.73 -10.27
C VAL A 363 -24.26 15.33 -10.19
N ALA A 364 -23.73 14.78 -11.27
CA ALA A 364 -22.42 14.14 -11.20
C ALA A 364 -21.76 14.16 -12.57
N VAL A 365 -20.48 13.74 -12.59
CA VAL A 365 -19.63 13.79 -13.76
C VAL A 365 -18.53 12.75 -13.59
N GLU A 366 -18.25 12.01 -14.67
CA GLU A 366 -17.16 11.03 -14.69
C GLU A 366 -16.10 11.48 -15.68
N LEU A 367 -14.83 11.42 -15.25
CA LEU A 367 -13.70 11.84 -16.06
C LEU A 367 -12.72 10.68 -16.21
N PRO A 368 -12.45 10.21 -17.43
CA PRO A 368 -11.50 9.10 -17.61
C PRO A 368 -10.07 9.57 -17.71
N PHE A 369 -9.16 8.77 -17.16
CA PHE A 369 -7.74 9.06 -17.18
C PHE A 369 -6.97 7.75 -17.26
N THR A 370 -5.70 7.86 -17.66
CA THR A 370 -4.84 6.71 -17.84
C THR A 370 -3.88 6.60 -16.65
N LEU A 371 -3.85 5.44 -16.02
CA LEU A 371 -2.98 5.18 -14.87
C LEU A 371 -2.01 4.08 -15.28
N MET A 372 -0.78 4.46 -15.63
CA MET A 372 0.23 3.51 -16.07
C MET A 372 1.57 3.85 -15.45
N HIS A 373 2.56 3.00 -15.73
CA HIS A 373 3.97 3.23 -15.47
C HIS A 373 4.64 3.81 -16.71
N PRO A 374 5.67 4.63 -16.56
CA PRO A 374 6.42 5.11 -17.72
C PRO A 374 7.41 4.05 -18.19
N LYS A 375 7.92 4.27 -19.40
CA LYS A 375 8.83 3.30 -20.00
C LYS A 375 10.11 3.20 -19.17
N PRO A 376 10.49 2.00 -18.72
CA PRO A 376 11.64 1.86 -17.81
C PRO A 376 12.96 1.68 -18.54
N LYS A 377 14.03 1.46 -17.76
CA LYS A 377 15.34 1.14 -18.31
C LYS A 377 15.93 -0.12 -17.66
N GLU A 378 15.11 -0.89 -16.94
CA GLU A 378 15.58 -2.09 -16.27
C GLU A 378 14.37 -2.97 -15.96
N GLU A 379 14.63 -4.09 -15.28
CA GLU A 379 13.59 -5.02 -14.91
C GLU A 379 12.80 -4.49 -13.70
N PRO A 380 11.47 -4.52 -13.75
CA PRO A 380 10.67 -4.03 -12.63
C PRO A 380 10.91 -4.80 -11.33
N PRO A 381 10.78 -6.13 -11.30
CA PRO A 381 10.73 -6.82 -10.02
C PRO A 381 12.12 -7.09 -9.45
N HIS A 382 12.13 -7.83 -8.34
CA HIS A 382 13.36 -8.32 -7.69
C HIS A 382 14.19 -7.16 -7.13
N ARG A 383 13.50 -6.18 -6.54
CA ARG A 383 14.17 -5.06 -5.89
C ARG A 383 14.24 -5.26 -4.38
N GLU A 384 13.10 -5.38 -3.71
CA GLU A 384 13.07 -5.45 -2.25
C GLU A 384 12.18 -6.60 -1.81
N VAL A 385 12.69 -7.39 -0.86
CA VAL A 385 11.95 -8.54 -0.34
C VAL A 385 12.44 -8.87 1.07
N PRO A 386 11.61 -8.72 2.11
CA PRO A 386 11.87 -9.05 3.53
C PRO A 386 12.55 -10.40 3.76
N GLU B 24 12.39 21.48 -7.79
CA GLU B 24 13.37 21.27 -6.75
C GLU B 24 12.99 20.11 -5.84
N VAL B 25 13.84 19.08 -5.80
CA VAL B 25 13.63 17.91 -4.95
C VAL B 25 14.64 17.97 -3.82
N GLN B 26 14.14 18.05 -2.59
CA GLN B 26 15.02 18.13 -1.44
C GLN B 26 14.28 17.63 -0.21
N LEU B 27 15.05 17.16 0.77
CA LEU B 27 14.54 16.73 2.06
C LEU B 27 15.18 17.57 3.14
N VAL B 28 14.37 18.11 4.04
CA VAL B 28 14.83 18.96 5.13
C VAL B 28 14.52 18.27 6.44
N GLU B 29 15.54 18.08 7.26
CA GLU B 29 15.40 17.40 8.54
C GLU B 29 15.34 18.39 9.69
N SER B 30 14.76 17.95 10.80
CA SER B 30 14.68 18.76 12.00
C SER B 30 14.44 17.85 13.19
N GLY B 31 14.65 18.39 14.38
CA GLY B 31 14.34 17.68 15.60
C GLY B 31 15.49 16.95 16.25
N GLY B 32 16.67 16.93 15.64
CA GLY B 32 17.82 16.32 16.27
C GLY B 32 18.42 17.20 17.34
N GLY B 33 18.92 16.57 18.39
CA GLY B 33 19.55 17.32 19.46
C GLY B 33 19.98 16.41 20.59
N LEU B 34 20.55 17.04 21.61
CA LEU B 34 21.01 16.33 22.79
C LEU B 34 19.84 15.97 23.69
N VAL B 35 19.80 14.72 24.15
CA VAL B 35 18.77 14.25 25.06
C VAL B 35 19.44 13.37 26.13
N GLN B 36 18.68 13.10 27.19
CA GLN B 36 19.14 12.23 28.25
C GLN B 36 19.02 10.77 27.83
N PRO B 37 19.90 9.91 28.34
CA PRO B 37 19.75 8.47 28.06
C PRO B 37 18.42 7.95 28.60
N GLY B 38 17.78 7.09 27.81
CA GLY B 38 16.45 6.63 28.12
C GLY B 38 15.34 7.58 27.74
N GLY B 39 15.68 8.73 27.15
CA GLY B 39 14.68 9.73 26.80
C GLY B 39 14.01 9.41 25.48
N SER B 40 13.45 10.45 24.86
CA SER B 40 12.71 10.30 23.62
C SER B 40 13.08 11.42 22.67
N LEU B 41 12.89 11.16 21.38
CA LEU B 41 13.19 12.14 20.34
C LEU B 41 12.24 11.94 19.18
N ARG B 42 12.04 13.00 18.39
CA ARG B 42 11.13 12.98 17.26
C ARG B 42 11.76 13.78 16.11
N LEU B 43 12.40 13.07 15.18
CA LEU B 43 12.98 13.70 14.02
C LEU B 43 11.94 13.79 12.91
N SER B 44 11.95 14.90 12.18
CA SER B 44 11.00 15.16 11.11
C SER B 44 11.76 15.39 9.81
N CYS B 45 11.26 14.80 8.72
CA CYS B 45 11.88 14.92 7.41
C CYS B 45 10.89 15.58 6.46
N ALA B 46 11.00 16.90 6.31
CA ALA B 46 10.07 17.67 5.49
C ALA B 46 10.46 17.53 4.03
N ALA B 47 9.75 16.66 3.32
CA ALA B 47 10.04 16.41 1.91
C ALA B 47 9.58 17.58 1.06
N SER B 48 10.10 17.63 -0.17
CA SER B 48 9.74 18.68 -1.12
C SER B 48 10.06 18.18 -2.52
N GLY B 49 9.16 18.47 -3.46
CA GLY B 49 9.36 18.11 -4.84
C GLY B 49 8.91 16.72 -5.23
N PHE B 50 8.48 15.90 -4.27
CA PHE B 50 8.00 14.56 -4.58
C PHE B 50 6.90 14.19 -3.61
N ASN B 51 6.17 13.13 -3.95
CA ASN B 51 5.02 12.66 -3.21
C ASN B 51 5.39 11.45 -2.37
N VAL B 52 4.62 11.24 -1.30
CA VAL B 52 4.93 10.15 -0.38
C VAL B 52 4.44 8.81 -0.91
N TYR B 53 3.50 8.82 -1.86
CA TYR B 53 2.99 7.57 -2.39
C TYR B 53 3.80 7.06 -3.57
N SER B 54 4.57 7.92 -4.23
CA SER B 54 5.44 7.52 -5.32
C SER B 54 6.89 7.34 -4.88
N SER B 55 7.16 7.41 -3.59
CA SER B 55 8.52 7.27 -3.09
C SER B 55 8.49 6.67 -1.69
N SER B 56 9.58 5.99 -1.33
CA SER B 56 9.75 5.48 0.02
C SER B 56 10.69 6.39 0.79
N ILE B 57 10.48 6.45 2.11
CA ILE B 57 11.30 7.27 3.00
C ILE B 57 12.01 6.34 3.98
N HIS B 58 13.32 6.50 4.08
CA HIS B 58 14.13 5.65 4.94
C HIS B 58 14.95 6.53 5.87
N TRP B 59 15.29 5.99 7.03
CA TRP B 59 16.13 6.68 8.00
C TRP B 59 17.44 5.92 8.11
N VAL B 60 18.54 6.63 7.83
CA VAL B 60 19.88 6.07 7.87
C VAL B 60 20.73 6.95 8.78
N ARG B 61 21.45 6.31 9.70
CA ARG B 61 22.26 7.02 10.66
C ARG B 61 23.73 6.67 10.47
N GLN B 62 24.60 7.60 10.85
CA GLN B 62 26.04 7.39 10.79
C GLN B 62 26.64 7.86 12.10
N ALA B 63 27.18 6.93 12.89
CA ALA B 63 27.88 7.30 14.10
C ALA B 63 29.09 8.16 13.75
N PRO B 64 29.49 9.06 14.64
CA PRO B 64 30.68 9.89 14.35
C PRO B 64 31.90 9.03 14.05
N GLY B 65 32.43 9.19 12.85
CA GLY B 65 33.56 8.39 12.40
C GLY B 65 33.25 6.92 12.23
N LYS B 66 32.11 6.59 11.61
CA LYS B 66 31.72 5.22 11.38
C LYS B 66 31.00 5.13 10.04
N GLY B 67 30.50 3.93 9.72
CA GLY B 67 29.84 3.71 8.45
C GLY B 67 28.34 4.00 8.48
N LEU B 68 27.73 3.88 7.32
CA LEU B 68 26.30 4.10 7.17
C LEU B 68 25.51 2.91 7.69
N GLU B 69 24.33 3.20 8.24
CA GLU B 69 23.47 2.15 8.79
C GLU B 69 22.02 2.53 8.58
N TRP B 70 21.25 1.61 8.02
CA TRP B 70 19.81 1.82 7.82
C TRP B 70 19.05 1.49 9.10
N VAL B 71 18.07 2.32 9.42
CA VAL B 71 17.35 2.20 10.69
C VAL B 71 15.89 1.85 10.45
N ALA B 72 15.16 2.70 9.75
CA ALA B 72 13.73 2.52 9.55
C ALA B 72 13.35 3.01 8.16
N SER B 73 12.26 2.44 7.64
CA SER B 73 11.76 2.80 6.32
C SER B 73 10.25 2.64 6.30
N ILE B 74 9.59 3.48 5.51
CA ILE B 74 8.14 3.46 5.36
C ILE B 74 7.80 3.50 3.88
N SER B 75 6.90 2.63 3.45
CA SER B 75 6.50 2.57 2.04
C SER B 75 5.42 3.58 1.73
N SER B 76 4.34 3.56 2.52
CA SER B 76 3.26 4.54 2.49
C SER B 76 2.35 4.40 1.28
N TYR B 77 2.72 3.55 0.32
CA TYR B 77 1.81 3.14 -0.75
C TYR B 77 1.22 1.77 -0.46
N TYR B 78 2.02 0.86 0.08
CA TYR B 78 1.57 -0.43 0.55
C TYR B 78 1.33 -0.45 2.05
N GLY B 79 1.56 0.67 2.73
CA GLY B 79 1.38 0.75 4.16
C GLY B 79 2.34 -0.12 4.95
N TYR B 80 3.62 -0.05 4.60
CA TYR B 80 4.64 -0.86 5.23
C TYR B 80 5.60 0.00 6.04
N THR B 81 6.10 -0.57 7.14
CA THR B 81 7.07 0.08 7.99
C THR B 81 8.07 -0.97 8.46
N TYR B 82 9.35 -0.73 8.18
CA TYR B 82 10.41 -1.67 8.50
C TYR B 82 11.38 -1.03 9.48
N TYR B 83 11.93 -1.85 10.39
CA TYR B 83 12.82 -1.36 11.42
C TYR B 83 14.02 -2.29 11.54
N ALA B 84 15.13 -1.72 12.01
CA ALA B 84 16.36 -2.47 12.16
C ALA B 84 16.26 -3.44 13.34
N ASP B 85 17.14 -4.44 13.33
CA ASP B 85 17.09 -5.49 14.35
C ASP B 85 17.31 -4.95 15.74
N SER B 86 18.00 -3.82 15.87
CA SER B 86 18.24 -3.18 17.16
C SER B 86 17.35 -1.97 17.38
N VAL B 87 16.31 -1.81 16.57
CA VAL B 87 15.53 -0.58 16.53
C VAL B 87 14.04 -0.88 16.61
N LYS B 88 13.67 -2.16 16.40
CA LYS B 88 12.26 -2.52 16.29
C LYS B 88 11.50 -2.21 17.56
N GLY B 89 12.05 -2.54 18.72
CA GLY B 89 11.33 -2.36 19.97
C GLY B 89 11.34 -0.96 20.54
N ARG B 90 12.00 -0.02 19.89
CA ARG B 90 12.08 1.35 20.38
C ARG B 90 11.58 2.39 19.40
N PHE B 91 11.89 2.24 18.11
CA PHE B 91 11.61 3.28 17.14
C PHE B 91 10.24 3.06 16.49
N THR B 92 9.75 4.11 15.85
CA THR B 92 8.49 4.05 15.13
C THR B 92 8.49 5.14 14.07
N ILE B 93 8.38 4.75 12.80
CA ILE B 93 8.37 5.67 11.68
C ILE B 93 6.94 5.84 11.21
N SER B 94 6.59 7.06 10.79
CA SER B 94 5.25 7.35 10.35
C SER B 94 5.32 8.43 9.27
N ALA B 95 4.29 8.47 8.43
CA ALA B 95 4.20 9.44 7.35
C ALA B 95 2.91 10.24 7.50
N ASP B 96 3.02 11.54 7.29
CA ASP B 96 1.87 12.44 7.29
C ASP B 96 1.72 12.99 5.89
N THR B 97 0.75 12.46 5.14
CA THR B 97 0.59 12.85 3.75
C THR B 97 0.13 14.31 3.60
N SER B 98 -0.65 14.81 4.56
CA SER B 98 -1.20 16.15 4.43
C SER B 98 -0.10 17.20 4.31
N LYS B 99 0.93 17.10 5.15
CA LYS B 99 2.06 18.02 5.11
C LYS B 99 3.24 17.46 4.35
N ASN B 100 3.15 16.24 3.82
CA ASN B 100 4.23 15.62 3.04
C ASN B 100 5.49 15.50 3.89
N THR B 101 5.38 14.76 4.98
CA THR B 101 6.43 14.69 5.99
C THR B 101 6.44 13.32 6.62
N ALA B 102 7.64 12.85 6.97
CA ALA B 102 7.83 11.60 7.68
C ALA B 102 8.49 11.88 9.02
N TYR B 103 8.18 11.06 10.01
CA TYR B 103 8.69 11.23 11.36
C TYR B 103 9.34 9.94 11.84
N LEU B 104 9.98 10.02 13.00
CA LEU B 104 10.59 8.85 13.61
C LEU B 104 10.60 9.06 15.12
N GLN B 105 9.84 8.24 15.84
CA GLN B 105 9.75 8.33 17.30
C GLN B 105 10.82 7.43 17.92
N MET B 106 11.86 8.05 18.44
CA MET B 106 12.97 7.34 19.06
C MET B 106 12.74 7.31 20.57
N ASN B 107 12.70 6.12 21.15
CA ASN B 107 12.42 5.96 22.56
C ASN B 107 13.42 4.99 23.19
N SER B 108 13.54 5.07 24.51
CA SER B 108 14.47 4.23 25.27
C SER B 108 15.89 4.38 24.73
N LEU B 109 16.26 5.62 24.41
CA LEU B 109 17.55 5.88 23.79
C LEU B 109 18.69 5.46 24.72
N ARG B 110 19.69 4.81 24.13
CA ARG B 110 20.88 4.40 24.86
C ARG B 110 22.11 5.10 24.27
N ALA B 111 23.29 4.72 24.76
CA ALA B 111 24.52 5.37 24.32
C ALA B 111 24.78 5.11 22.84
N GLU B 112 24.54 3.88 22.38
CA GLU B 112 24.85 3.51 21.00
C GLU B 112 23.93 4.18 19.98
N ASP B 113 23.01 5.03 20.41
CA ASP B 113 22.10 5.71 19.49
C ASP B 113 22.66 7.04 19.00
N THR B 114 23.84 7.45 19.47
CA THR B 114 24.45 8.68 18.99
C THR B 114 24.93 8.51 17.56
N ALA B 115 24.52 9.43 16.69
CA ALA B 115 24.84 9.36 15.27
C ALA B 115 24.35 10.64 14.60
N VAL B 116 24.66 10.76 13.32
CA VAL B 116 24.06 11.78 12.46
C VAL B 116 23.02 11.08 11.61
N TYR B 117 21.75 11.43 11.81
CA TYR B 117 20.65 10.72 11.17
C TYR B 117 20.26 11.44 9.88
N TYR B 118 20.26 10.69 8.78
CA TYR B 118 19.81 11.19 7.49
C TYR B 118 18.49 10.52 7.12
N CYS B 119 17.62 11.27 6.48
CA CYS B 119 16.44 10.73 5.84
C CYS B 119 16.66 10.74 4.33
N ALA B 120 16.40 9.62 3.68
CA ALA B 120 16.69 9.46 2.27
C ALA B 120 15.44 9.03 1.54
N ARG B 121 15.36 9.43 0.27
CA ARG B 121 14.25 9.08 -0.60
C ARG B 121 14.67 7.97 -1.56
N SER B 122 13.73 7.07 -1.83
CA SER B 122 13.88 6.07 -2.87
C SER B 122 12.60 6.03 -3.68
N ARG B 123 12.72 5.76 -4.97
CA ARG B 123 11.52 5.57 -5.79
C ARG B 123 10.75 4.37 -5.29
N GLN B 124 9.44 4.53 -5.16
CA GLN B 124 8.60 3.45 -4.67
C GLN B 124 8.48 2.32 -5.69
N PHE B 125 8.31 2.66 -6.96
CA PHE B 125 8.00 1.66 -7.97
C PHE B 125 9.28 1.30 -8.69
N TRP B 126 9.85 0.16 -8.28
CA TRP B 126 10.89 -0.54 -9.01
C TRP B 126 12.16 0.30 -9.07
N TYR B 127 12.59 0.75 -7.91
CA TYR B 127 13.89 1.40 -7.82
C TYR B 127 14.34 1.40 -6.38
N SER B 128 15.64 1.27 -6.19
CA SER B 128 16.25 1.50 -4.89
C SER B 128 17.65 2.03 -5.14
N GLY B 129 18.36 2.27 -4.04
CA GLY B 129 19.50 3.15 -4.10
C GLY B 129 18.99 4.54 -3.76
N LEU B 130 19.42 5.07 -2.63
CA LEU B 130 18.86 6.30 -2.09
C LEU B 130 19.45 7.47 -2.88
N ASP B 131 18.65 8.02 -3.79
CA ASP B 131 19.12 9.04 -4.71
C ASP B 131 19.04 10.44 -4.15
N TYR B 132 18.27 10.66 -3.08
CA TYR B 132 18.16 11.96 -2.45
C TYR B 132 18.32 11.80 -0.96
N TRP B 133 19.09 12.70 -0.35
CA TRP B 133 19.40 12.62 1.07
C TRP B 133 19.17 13.97 1.72
N GLY B 134 18.85 13.94 3.01
CA GLY B 134 18.79 15.16 3.79
C GLY B 134 20.16 15.56 4.32
N GLN B 135 20.22 16.77 4.88
CA GLN B 135 21.49 17.26 5.40
C GLN B 135 21.98 16.41 6.56
N GLY B 136 21.07 15.99 7.42
CA GLY B 136 21.43 15.19 8.58
C GLY B 136 21.30 15.98 9.86
N THR B 137 20.88 15.31 10.92
CA THR B 137 20.77 15.90 12.25
C THR B 137 21.48 15.00 13.25
N LEU B 138 22.42 15.58 13.98
CA LEU B 138 23.15 14.82 14.98
C LEU B 138 22.29 14.63 16.22
N VAL B 139 22.14 13.38 16.64
CA VAL B 139 21.42 13.03 17.86
C VAL B 139 22.46 12.58 18.87
N THR B 140 22.60 13.34 19.95
CA THR B 140 23.56 13.05 21.01
C THR B 140 22.81 12.56 22.22
N VAL B 141 23.22 11.42 22.75
CA VAL B 141 22.53 10.77 23.88
C VAL B 141 23.59 10.50 24.94
N SER B 142 23.73 11.42 25.89
CA SER B 142 24.65 11.25 26.99
C SER B 142 24.07 11.89 28.25
N SER B 143 24.47 11.36 29.41
CA SER B 143 24.00 11.87 30.68
C SER B 143 24.64 13.20 31.05
N ALA B 144 25.82 13.49 30.52
CA ALA B 144 26.52 14.72 30.85
C ALA B 144 25.76 15.93 30.30
N SER B 145 26.10 17.10 30.84
CA SER B 145 25.39 18.33 30.53
C SER B 145 26.36 19.37 29.98
N THR B 146 25.79 20.48 29.52
CA THR B 146 26.57 21.57 28.94
C THR B 146 27.55 22.13 29.96
N LYS B 147 28.77 22.44 29.50
CA LYS B 147 29.79 23.00 30.36
C LYS B 147 30.78 23.80 29.51
N GLY B 148 31.26 24.91 30.05
CA GLY B 148 32.21 25.76 29.37
C GLY B 148 33.63 25.23 29.42
N PRO B 149 34.46 25.64 28.46
CA PRO B 149 35.82 25.09 28.36
C PRO B 149 36.80 25.80 29.30
N SER B 150 37.97 25.18 29.41
CA SER B 150 39.09 25.74 30.16
C SER B 150 40.34 25.62 29.31
N VAL B 151 41.21 26.63 29.36
CA VAL B 151 42.39 26.70 28.52
C VAL B 151 43.64 26.66 29.40
N PHE B 152 44.56 25.76 29.06
CA PHE B 152 45.85 25.66 29.72
C PHE B 152 46.95 25.74 28.67
N PRO B 153 47.80 26.76 28.68
CA PRO B 153 48.80 26.90 27.64
C PRO B 153 49.84 25.80 27.68
N LEU B 154 50.36 25.45 26.50
CA LEU B 154 51.40 24.45 26.35
C LEU B 154 52.74 25.17 26.26
N ALA B 155 53.63 24.90 27.20
CA ALA B 155 54.91 25.63 27.26
C ALA B 155 55.80 25.21 26.10
N PRO B 156 56.24 26.14 25.25
CA PRO B 156 57.14 25.78 24.16
C PRO B 156 58.50 25.34 24.71
N SER B 157 59.03 24.27 24.12
CA SER B 157 60.32 23.71 24.52
C SER B 157 61.38 24.24 23.56
N SER B 158 62.23 25.14 24.05
CA SER B 158 63.27 25.74 23.23
C SER B 158 64.51 24.87 23.09
N LYS B 159 64.60 23.77 23.83
CA LYS B 159 65.78 22.90 23.80
C LYS B 159 65.48 21.53 23.20
N SER B 160 64.40 20.88 23.65
CA SER B 160 64.10 19.53 23.16
C SER B 160 63.76 19.54 21.68
N THR B 161 62.98 20.51 21.23
CA THR B 161 62.53 20.53 19.85
C THR B 161 63.68 20.77 18.89
N SER B 162 63.67 20.06 17.76
CA SER B 162 64.70 20.18 16.74
C SER B 162 64.24 20.88 15.48
N GLY B 163 62.94 21.14 15.33
CA GLY B 163 62.46 21.82 14.14
C GLY B 163 62.94 23.25 14.05
N GLY B 164 63.05 23.74 12.82
CA GLY B 164 63.53 25.10 12.61
C GLY B 164 62.61 26.15 13.19
N THR B 165 61.30 25.94 13.05
CA THR B 165 60.30 26.87 13.57
C THR B 165 59.70 26.30 14.85
N ALA B 166 59.76 27.09 15.92
CA ALA B 166 59.22 26.63 17.20
C ALA B 166 57.71 26.50 17.13
N ALA B 167 57.20 25.48 17.80
CA ALA B 167 55.78 25.18 17.82
C ALA B 167 55.14 25.69 19.10
N LEU B 168 53.95 26.28 18.98
CA LEU B 168 53.22 26.79 20.12
C LEU B 168 51.76 26.37 20.01
N GLY B 169 51.10 26.27 21.15
CA GLY B 169 49.69 25.90 21.16
C GLY B 169 49.13 25.94 22.56
N CYS B 170 47.81 25.80 22.63
CA CYS B 170 47.08 25.77 23.90
C CYS B 170 46.07 24.64 23.86
N LEU B 171 45.67 24.19 25.04
CA LEU B 171 44.82 23.02 25.21
C LEU B 171 43.44 23.44 25.68
N VAL B 172 42.41 22.88 25.05
CA VAL B 172 41.02 23.13 25.41
C VAL B 172 40.36 21.80 25.75
N LYS B 173 39.65 21.76 26.87
CA LYS B 173 39.06 20.52 27.35
C LYS B 173 37.83 20.83 28.20
N ASP B 174 37.08 19.77 28.51
CA ASP B 174 35.94 19.82 29.43
C ASP B 174 34.87 20.79 28.92
N TYR B 175 34.29 20.43 27.78
CA TYR B 175 33.12 21.13 27.27
C TYR B 175 32.26 20.15 26.48
N PHE B 176 30.97 20.10 26.80
CA PHE B 176 30.06 19.18 26.13
C PHE B 176 29.54 19.67 24.78
N PRO B 177 29.13 20.96 24.62
CA PRO B 177 28.60 21.38 23.32
C PRO B 177 29.60 21.29 22.17
N GLU B 178 29.12 21.54 20.95
CA GLU B 178 29.88 21.41 19.73
C GLU B 178 31.20 22.18 19.81
N PRO B 179 32.22 21.79 19.03
CA PRO B 179 33.58 22.28 19.31
C PRO B 179 33.70 23.80 19.28
N VAL B 180 34.60 24.29 20.11
CA VAL B 180 34.89 25.72 20.24
C VAL B 180 35.64 26.20 19.00
N THR B 181 35.76 27.51 18.86
CA THR B 181 36.51 28.13 17.78
C THR B 181 37.62 28.97 18.39
N VAL B 182 38.83 28.42 18.41
CA VAL B 182 40.00 29.10 18.95
C VAL B 182 40.71 29.82 17.82
N SER B 183 40.80 31.13 17.92
CA SER B 183 41.48 31.96 16.93
C SER B 183 42.70 32.60 17.57
N TRP B 184 43.86 32.39 16.97
CA TRP B 184 45.11 32.91 17.49
C TRP B 184 45.28 34.37 17.04
N ASN B 185 45.43 35.26 18.02
CA ASN B 185 45.58 36.70 17.77
C ASN B 185 44.42 37.24 16.93
N SER B 186 43.21 36.77 17.22
CA SER B 186 42.01 37.18 16.50
C SER B 186 42.14 36.94 15.00
N GLY B 187 42.78 35.83 14.63
CA GLY B 187 42.98 35.48 13.24
C GLY B 187 44.15 36.17 12.56
N ALA B 188 44.94 36.95 13.29
CA ALA B 188 46.08 37.64 12.69
C ALA B 188 47.29 36.74 12.49
N LEU B 189 47.28 35.53 13.05
CA LEU B 189 48.38 34.58 12.90
C LEU B 189 48.08 33.65 11.73
N THR B 190 48.86 33.77 10.66
CA THR B 190 48.74 32.91 9.49
C THR B 190 50.08 32.18 9.35
N SER B 191 50.21 31.07 10.08
CA SER B 191 51.44 30.28 10.08
C SER B 191 51.11 28.80 10.02
N GLY B 192 50.11 28.44 9.22
CA GLY B 192 49.71 27.05 9.09
C GLY B 192 49.19 26.45 10.38
N VAL B 193 48.30 27.17 11.06
CA VAL B 193 47.72 26.67 12.31
C VAL B 193 46.86 25.44 12.01
N HIS B 194 46.81 24.52 12.98
CA HIS B 194 46.03 23.30 12.85
C HIS B 194 45.15 23.14 14.08
N THR B 195 43.88 22.85 13.85
CA THR B 195 42.91 22.58 14.91
C THR B 195 42.47 21.12 14.75
N PHE B 196 43.03 20.25 15.58
CA PHE B 196 42.67 18.84 15.52
C PHE B 196 41.21 18.68 15.92
N PRO B 197 40.48 17.74 15.31
CA PRO B 197 39.07 17.55 15.67
C PRO B 197 38.91 17.21 17.14
N ALA B 198 37.83 17.71 17.72
CA ALA B 198 37.56 17.47 19.14
C ALA B 198 37.36 15.97 19.38
N VAL B 199 37.84 15.51 20.53
CA VAL B 199 37.75 14.09 20.90
C VAL B 199 36.89 13.97 22.15
N LEU B 200 36.05 12.94 22.17
CA LEU B 200 35.16 12.68 23.29
C LEU B 200 35.89 11.81 24.31
N GLN B 201 35.96 12.30 25.56
CA GLN B 201 36.67 11.59 26.60
C GLN B 201 35.71 10.65 27.34
N SER B 202 36.25 9.92 28.32
CA SER B 202 35.43 8.99 29.08
C SER B 202 34.35 9.71 29.88
N SER B 203 34.69 10.84 30.50
CA SER B 203 33.73 11.59 31.29
C SER B 203 32.64 12.24 30.46
N GLY B 204 32.78 12.28 29.14
CA GLY B 204 31.76 12.82 28.26
C GLY B 204 31.96 14.26 27.84
N LEU B 205 33.12 14.84 28.07
CA LEU B 205 33.40 16.23 27.72
C LEU B 205 34.44 16.28 26.61
N TYR B 206 34.18 17.10 25.59
CA TYR B 206 35.06 17.15 24.43
C TYR B 206 36.38 17.85 24.76
N SER B 207 37.35 17.66 23.88
CA SER B 207 38.66 18.28 24.02
C SER B 207 39.33 18.35 22.66
N LEU B 208 39.78 19.54 22.27
CA LEU B 208 40.54 19.72 21.05
C LEU B 208 41.82 20.50 21.38
N SER B 209 42.73 20.53 20.41
CA SER B 209 43.99 21.25 20.56
C SER B 209 44.27 22.05 19.31
N SER B 210 44.90 23.22 19.48
CA SER B 210 45.32 24.06 18.37
C SER B 210 46.82 24.27 18.47
N VAL B 211 47.52 24.02 17.36
CA VAL B 211 48.98 24.12 17.31
C VAL B 211 49.37 24.99 16.12
N VAL B 212 50.58 25.53 16.18
CA VAL B 212 51.10 26.40 15.14
C VAL B 212 52.62 26.45 15.27
N THR B 213 53.29 26.41 14.12
CA THR B 213 54.74 26.53 14.05
C THR B 213 55.09 27.96 13.63
N VAL B 214 55.83 28.66 14.49
CA VAL B 214 56.25 30.03 14.22
C VAL B 214 57.77 30.07 14.27
N PRO B 215 58.44 30.77 13.35
CA PRO B 215 59.90 30.84 13.39
C PRO B 215 60.38 31.46 14.70
N SER B 216 61.53 30.95 15.18
CA SER B 216 62.09 31.39 16.45
C SER B 216 62.57 32.83 16.42
N SER B 217 62.68 33.45 15.24
CA SER B 217 63.11 34.84 15.17
C SER B 217 62.12 35.76 15.86
N SER B 218 60.82 35.47 15.75
CA SER B 218 59.78 36.31 16.32
C SER B 218 59.26 35.80 17.65
N LEU B 219 59.94 34.81 18.25
CA LEU B 219 59.50 34.30 19.55
C LEU B 219 59.57 35.38 20.62
N GLY B 220 60.64 36.17 20.63
CA GLY B 220 60.82 37.21 21.62
C GLY B 220 60.13 38.53 21.32
N THR B 221 59.49 38.65 20.18
CA THR B 221 58.84 39.90 19.78
C THR B 221 57.36 39.75 19.51
N GLN B 222 56.94 38.67 18.82
CA GLN B 222 55.54 38.52 18.44
C GLN B 222 54.76 37.88 19.58
N THR B 223 53.61 38.47 19.91
CA THR B 223 52.74 37.93 20.94
C THR B 223 51.93 36.76 20.40
N TYR B 224 51.86 35.69 21.17
CA TYR B 224 51.10 34.49 20.79
C TYR B 224 49.97 34.31 21.79
N ILE B 225 48.77 34.76 21.43
CA ILE B 225 47.62 34.75 22.31
C ILE B 225 46.49 33.98 21.62
N CYS B 226 45.70 33.26 22.41
CA CYS B 226 44.57 32.49 21.91
C CYS B 226 43.28 32.98 22.55
N ASN B 227 42.20 32.97 21.77
CA ASN B 227 40.88 33.33 22.26
C ASN B 227 39.93 32.18 21.95
N VAL B 228 39.31 31.64 22.98
CA VAL B 228 38.41 30.49 22.85
C VAL B 228 36.98 30.98 23.03
N ASN B 229 36.13 30.71 22.05
CA ASN B 229 34.73 31.12 22.07
C ASN B 229 33.85 29.89 22.06
N HIS B 230 32.95 29.79 23.04
CA HIS B 230 32.04 28.66 23.17
C HIS B 230 30.61 29.14 23.38
N LYS B 231 30.15 30.03 22.50
CA LYS B 231 28.81 30.60 22.54
C LYS B 231 27.70 29.56 22.73
N PRO B 232 27.82 28.33 22.21
CA PRO B 232 26.85 27.30 22.60
C PRO B 232 26.76 27.08 24.10
N SER B 233 27.88 27.13 24.81
CA SER B 233 27.89 27.12 26.26
C SER B 233 28.14 28.49 26.87
N ASN B 234 28.34 29.51 26.03
CA ASN B 234 28.51 30.90 26.47
C ASN B 234 29.68 31.04 27.45
N THR B 235 30.88 30.74 26.94
CA THR B 235 32.08 30.85 27.75
C THR B 235 33.23 31.30 26.85
N LYS B 236 34.01 32.27 27.33
CA LYS B 236 35.19 32.76 26.62
C LYS B 236 36.33 32.91 27.60
N VAL B 237 37.40 32.14 27.39
CA VAL B 237 38.59 32.18 28.22
C VAL B 237 39.79 32.46 27.34
N ASP B 238 40.58 33.46 27.71
CA ASP B 238 41.76 33.86 26.95
C ASP B 238 43.01 33.63 27.78
N LYS B 239 44.01 32.98 27.17
CA LYS B 239 45.29 32.71 27.81
C LYS B 239 46.41 33.03 26.83
N LYS B 240 47.60 33.27 27.37
CA LYS B 240 48.77 33.63 26.60
C LYS B 240 49.86 32.59 26.78
N VAL B 241 50.54 32.25 25.69
CA VAL B 241 51.59 31.24 25.69
C VAL B 241 52.93 31.94 25.48
N GLU B 242 53.94 31.54 26.25
CA GLU B 242 55.27 32.12 26.19
C GLU B 242 56.33 31.03 26.34
N PRO B 243 57.38 31.07 25.53
CA PRO B 243 58.46 30.08 25.67
C PRO B 243 59.18 30.23 26.99
N LYS B 244 59.66 29.12 27.51
CA LYS B 244 60.41 29.10 28.76
C LYS B 244 61.89 28.83 28.50
N ARG C 1 -74.74 -11.55 10.61
CA ARG C 1 -73.41 -10.99 10.49
C ARG C 1 -72.69 -10.90 11.84
N ARG C 2 -71.41 -11.29 11.84
CA ARG C 2 -70.55 -11.13 13.03
C ARG C 2 -69.20 -10.47 12.71
N PRO C 3 -69.20 -9.31 12.00
CA PRO C 3 -67.92 -8.57 11.88
C PRO C 3 -67.47 -7.90 13.17
N TYR C 4 -67.01 -8.68 14.16
CA TYR C 4 -66.25 -8.06 15.24
C TYR C 4 -64.83 -7.75 14.79
N ILE C 5 -64.26 -8.63 13.96
CA ILE C 5 -63.03 -8.35 13.25
C ILE C 5 -63.35 -8.27 11.75
N LEU C 6 -62.33 -7.94 10.96
CA LEU C 6 -62.51 -7.79 9.51
C LEU C 6 -63.10 -9.05 8.86
N ALA D 20 17.83 -15.18 3.93
CA ALA D 20 18.89 -14.20 4.15
C ALA D 20 18.79 -13.62 5.56
N SER D 21 19.43 -14.30 6.52
CA SER D 21 19.43 -13.80 7.89
C SER D 21 20.11 -12.45 7.99
N ASP D 22 21.26 -12.30 7.35
CA ASP D 22 21.97 -11.03 7.28
C ASP D 22 23.04 -11.13 6.20
N ILE D 23 23.29 -10.02 5.53
CA ILE D 23 24.23 -9.97 4.41
C ILE D 23 25.30 -8.94 4.73
N GLN D 24 26.56 -9.37 4.68
CA GLN D 24 27.69 -8.49 4.93
C GLN D 24 28.27 -8.02 3.60
N MET D 25 28.33 -6.71 3.42
CA MET D 25 28.88 -6.11 2.20
C MET D 25 30.33 -5.70 2.49
N THR D 26 31.22 -6.69 2.48
CA THR D 26 32.61 -6.48 2.86
C THR D 26 33.37 -5.82 1.72
N GLN D 27 33.79 -4.57 1.92
CA GLN D 27 34.64 -3.88 0.96
C GLN D 27 36.09 -4.25 1.22
N SER D 28 36.81 -4.60 0.16
CA SER D 28 38.17 -5.11 0.34
C SER D 28 39.15 -4.04 0.83
N PRO D 29 39.31 -2.89 0.16
CA PRO D 29 40.25 -1.89 0.69
C PRO D 29 39.55 -0.94 1.66
N SER D 30 40.13 -0.81 2.85
CA SER D 30 39.64 0.16 3.82
C SER D 30 40.15 1.56 3.52
N SER D 31 41.45 1.68 3.23
CA SER D 31 42.07 2.93 2.85
C SER D 31 42.84 2.72 1.55
N LEU D 32 42.81 3.73 0.68
CA LEU D 32 43.45 3.64 -0.63
C LEU D 32 44.13 4.97 -0.94
N SER D 33 45.40 4.89 -1.36
CA SER D 33 46.16 6.06 -1.74
C SER D 33 46.39 6.04 -3.25
N ALA D 34 46.08 7.15 -3.91
CA ALA D 34 46.18 7.24 -5.36
C ALA D 34 46.66 8.65 -5.71
N SER D 35 46.69 8.95 -7.01
CA SER D 35 47.11 10.25 -7.50
C SER D 35 46.14 10.70 -8.57
N VAL D 36 46.23 11.99 -8.93
CA VAL D 36 45.38 12.54 -9.96
C VAL D 36 45.65 11.82 -11.28
N GLY D 37 44.59 11.45 -11.99
CA GLY D 37 44.71 10.74 -13.24
C GLY D 37 44.91 9.25 -13.12
N ASP D 38 44.97 8.71 -11.91
CA ASP D 38 45.17 7.29 -11.72
C ASP D 38 43.85 6.54 -11.92
N ARG D 39 43.96 5.21 -12.02
CA ARG D 39 42.81 4.32 -12.12
C ARG D 39 42.79 3.43 -10.90
N VAL D 40 41.69 3.48 -10.13
CA VAL D 40 41.55 2.68 -8.92
C VAL D 40 40.26 1.89 -9.00
N THR D 41 40.23 0.79 -8.25
CA THR D 41 39.08 -0.11 -8.21
C THR D 41 38.79 -0.47 -6.75
N ILE D 42 37.50 -0.49 -6.42
CA ILE D 42 37.04 -0.87 -5.10
C ILE D 42 36.14 -2.09 -5.26
N THR D 43 36.49 -3.16 -4.55
CA THR D 43 35.80 -4.44 -4.69
C THR D 43 35.05 -4.75 -3.41
N CYS D 44 33.79 -5.15 -3.55
CA CYS D 44 32.96 -5.53 -2.43
C CYS D 44 32.47 -6.95 -2.62
N ARG D 45 32.40 -7.71 -1.54
CA ARG D 45 31.97 -9.10 -1.56
C ARG D 45 30.74 -9.24 -0.68
N ALA D 46 29.68 -9.83 -1.23
CA ALA D 46 28.47 -10.09 -0.47
C ALA D 46 28.55 -11.45 0.21
N SER D 47 27.94 -11.54 1.38
CA SER D 47 27.89 -12.82 2.09
C SER D 47 26.95 -13.81 1.41
N GLN D 48 26.13 -13.35 0.47
CA GLN D 48 25.16 -14.17 -0.23
C GLN D 48 24.75 -13.42 -1.48
N SER D 49 24.31 -14.17 -2.49
CA SER D 49 23.96 -13.55 -3.76
C SER D 49 22.84 -12.54 -3.58
N VAL D 50 23.06 -11.32 -4.09
CA VAL D 50 22.09 -10.24 -4.01
C VAL D 50 21.59 -9.84 -5.39
N SER D 51 21.85 -10.66 -6.40
CA SER D 51 21.56 -10.34 -7.79
C SER D 51 22.32 -9.06 -8.14
N SER D 52 21.77 -8.25 -9.04
CA SER D 52 22.36 -6.96 -9.38
C SER D 52 21.83 -5.83 -8.51
N ALA D 53 21.28 -6.14 -7.34
CA ALA D 53 20.72 -5.14 -6.45
C ALA D 53 21.82 -4.56 -5.56
N VAL D 54 22.67 -3.75 -6.18
CA VAL D 54 23.81 -3.14 -5.51
C VAL D 54 23.95 -1.70 -6.00
N ALA D 55 24.17 -0.78 -5.05
CA ALA D 55 24.36 0.63 -5.35
C ALA D 55 25.67 1.11 -4.74
N TRP D 56 26.16 2.25 -5.22
CA TRP D 56 27.41 2.82 -4.76
C TRP D 56 27.20 4.29 -4.40
N TYR D 57 27.84 4.72 -3.32
CA TYR D 57 27.65 6.05 -2.78
C TYR D 57 28.98 6.75 -2.55
N GLN D 58 29.00 8.06 -2.79
CA GLN D 58 30.15 8.91 -2.52
C GLN D 58 29.82 9.87 -1.40
N GLN D 59 30.63 9.89 -0.36
CA GLN D 59 30.40 10.73 0.82
C GLN D 59 31.63 11.58 1.09
N LYS D 60 31.53 12.87 0.77
CA LYS D 60 32.52 13.83 1.23
C LYS D 60 32.45 13.94 2.75
N PRO D 61 33.56 14.29 3.41
CA PRO D 61 33.55 14.33 4.88
C PRO D 61 32.63 15.43 5.40
N GLY D 62 31.72 15.04 6.29
CA GLY D 62 30.76 15.98 6.84
C GLY D 62 29.59 16.32 5.94
N LYS D 63 29.29 15.47 4.95
CA LYS D 63 28.19 15.72 4.02
C LYS D 63 27.37 14.46 3.85
N ALA D 64 26.22 14.62 3.21
CA ALA D 64 25.34 13.49 2.92
C ALA D 64 25.89 12.67 1.77
N PRO D 65 25.69 11.35 1.80
CA PRO D 65 26.17 10.50 0.70
C PRO D 65 25.44 10.79 -0.60
N LYS D 66 26.13 10.53 -1.70
CA LYS D 66 25.60 10.73 -3.05
C LYS D 66 25.59 9.40 -3.78
N LEU D 67 24.46 9.09 -4.42
CA LEU D 67 24.37 7.86 -5.19
C LEU D 67 25.20 7.98 -6.47
N LEU D 68 26.13 7.05 -6.65
CA LEU D 68 26.98 7.06 -7.86
C LEU D 68 26.41 6.17 -8.95
N ILE D 69 26.32 4.86 -8.68
CA ILE D 69 25.79 3.90 -9.64
C ILE D 69 24.85 2.96 -8.90
N TYR D 70 23.85 2.46 -9.62
CA TYR D 70 22.90 1.48 -9.09
C TYR D 70 22.79 0.33 -10.07
N SER D 71 22.06 -0.71 -9.66
CA SER D 71 21.91 -1.95 -10.42
C SER D 71 23.25 -2.63 -10.68
N ALA D 72 24.29 -2.23 -9.93
CA ALA D 72 25.63 -2.78 -9.98
C ALA D 72 26.35 -2.44 -11.29
N SER D 73 25.63 -1.86 -12.24
CA SER D 73 26.24 -1.40 -13.49
C SER D 73 25.72 -0.07 -14.00
N SER D 74 24.57 0.41 -13.53
CA SER D 74 23.89 1.54 -14.16
C SER D 74 24.32 2.84 -13.49
N LEU D 75 24.64 3.83 -14.31
CA LEU D 75 25.15 5.11 -13.84
C LEU D 75 24.00 6.05 -13.53
N TYR D 76 23.99 6.60 -12.32
CA TYR D 76 22.97 7.57 -11.95
C TYR D 76 23.16 8.87 -12.75
N SER D 77 22.03 9.45 -13.16
CA SER D 77 22.09 10.62 -14.03
C SER D 77 22.80 11.78 -13.35
N GLY D 78 23.74 12.39 -14.07
CA GLY D 78 24.54 13.48 -13.57
C GLY D 78 25.90 13.09 -13.04
N VAL D 79 26.10 11.81 -12.74
CA VAL D 79 27.39 11.34 -12.24
C VAL D 79 28.35 11.21 -13.42
N PRO D 80 29.57 11.75 -13.32
CA PRO D 80 30.48 11.75 -14.48
C PRO D 80 30.81 10.33 -14.93
N SER D 81 31.07 10.20 -16.24
CA SER D 81 31.28 8.91 -16.86
C SER D 81 32.56 8.23 -16.43
N ARG D 82 33.46 8.92 -15.74
CA ARG D 82 34.66 8.27 -15.22
C ARG D 82 34.31 7.20 -14.20
N PHE D 83 33.14 7.30 -13.56
CA PHE D 83 32.67 6.29 -12.63
C PHE D 83 31.95 5.19 -13.39
N SER D 84 32.27 3.94 -13.08
CA SER D 84 31.61 2.80 -13.71
C SER D 84 31.62 1.63 -12.74
N GLY D 85 30.53 0.87 -12.74
CA GLY D 85 30.39 -0.29 -11.88
C GLY D 85 30.13 -1.53 -12.71
N SER D 86 30.59 -2.68 -12.19
CA SER D 86 30.43 -3.94 -12.91
C SER D 86 30.36 -5.08 -11.90
N ARG D 87 29.49 -6.04 -12.18
CA ARG D 87 29.33 -7.24 -11.39
C ARG D 87 29.99 -8.41 -12.10
N SER D 88 30.65 -9.27 -11.34
CA SER D 88 31.16 -10.53 -11.86
C SER D 88 30.44 -11.73 -11.26
N GLY D 89 30.43 -11.83 -9.94
CA GLY D 89 29.71 -12.89 -9.26
C GLY D 89 29.01 -12.34 -8.04
N THR D 90 29.28 -12.94 -6.89
CA THR D 90 28.88 -12.35 -5.62
C THR D 90 29.75 -11.14 -5.28
N ASP D 91 30.76 -10.83 -6.09
CA ASP D 91 31.59 -9.66 -5.91
C ASP D 91 31.15 -8.54 -6.84
N PHE D 92 31.46 -7.30 -6.44
CA PHE D 92 31.08 -6.12 -7.20
C PHE D 92 32.25 -5.15 -7.21
N THR D 93 32.26 -4.28 -8.22
CA THR D 93 33.39 -3.40 -8.47
C THR D 93 32.91 -2.03 -8.90
N LEU D 94 33.50 -0.99 -8.31
CA LEU D 94 33.37 0.37 -8.78
C LEU D 94 34.71 0.83 -9.32
N THR D 95 34.69 1.44 -10.51
CA THR D 95 35.90 1.85 -11.20
C THR D 95 35.93 3.36 -11.35
N ILE D 96 37.05 3.97 -10.97
CA ILE D 96 37.32 5.37 -11.25
C ILE D 96 38.50 5.42 -12.20
N SER D 97 38.29 5.96 -13.39
CA SER D 97 39.31 6.07 -14.41
C SER D 97 39.75 7.52 -14.51
N SER D 98 41.04 7.78 -14.29
CA SER D 98 41.59 9.13 -14.27
C SER D 98 40.88 9.99 -13.23
N LEU D 99 41.04 9.58 -11.97
CA LEU D 99 40.36 10.25 -10.87
C LEU D 99 40.87 11.68 -10.72
N GLN D 100 39.93 12.61 -10.58
CA GLN D 100 40.24 14.01 -10.38
C GLN D 100 40.51 14.28 -8.91
N PRO D 101 41.06 15.45 -8.58
CA PRO D 101 41.20 15.81 -7.16
C PRO D 101 39.86 15.91 -6.44
N GLU D 102 38.76 16.04 -7.17
CA GLU D 102 37.42 16.11 -6.59
C GLU D 102 36.81 14.73 -6.34
N ASP D 103 37.65 13.69 -6.22
CA ASP D 103 37.19 12.34 -5.97
C ASP D 103 37.66 11.82 -4.61
N PHE D 104 38.35 12.64 -3.83
CA PHE D 104 38.72 12.30 -2.47
C PHE D 104 37.46 12.21 -1.61
N ALA D 105 37.09 11.00 -1.23
CA ALA D 105 35.89 10.77 -0.44
C ALA D 105 35.93 9.35 0.10
N THR D 106 34.86 8.95 0.77
CA THR D 106 34.64 7.58 1.19
C THR D 106 33.51 6.99 0.35
N TYR D 107 33.70 5.77 -0.14
CA TYR D 107 32.77 5.14 -1.05
C TYR D 107 32.14 3.93 -0.37
N TYR D 108 30.80 3.89 -0.40
CA TYR D 108 30.03 2.84 0.25
C TYR D 108 29.27 2.04 -0.81
N CYS D 109 29.21 0.73 -0.60
CA CYS D 109 28.41 -0.16 -1.44
C CYS D 109 27.20 -0.62 -0.63
N GLN D 110 26.03 -0.54 -1.24
CA GLN D 110 24.79 -0.93 -0.60
C GLN D 110 24.10 -1.99 -1.45
N GLN D 111 23.74 -3.10 -0.82
CA GLN D 111 22.80 -4.05 -1.39
C GLN D 111 21.41 -3.69 -0.92
N TYR D 112 20.46 -3.68 -1.85
CA TYR D 112 19.08 -3.37 -1.51
C TYR D 112 18.12 -4.48 -1.91
N LYS D 113 18.61 -5.71 -1.98
CA LYS D 113 17.76 -6.82 -2.37
C LYS D 113 16.88 -7.32 -1.22
N TYR D 114 17.23 -7.01 0.03
CA TYR D 114 16.50 -7.47 1.18
C TYR D 114 16.25 -6.30 2.12
N VAL D 115 15.19 -6.44 2.95
CA VAL D 115 14.78 -5.32 3.81
C VAL D 115 15.86 -4.89 4.79
N PRO D 116 16.55 -5.78 5.51
CA PRO D 116 17.69 -5.30 6.29
C PRO D 116 18.81 -4.82 5.39
N VAL D 117 18.62 -3.63 4.80
CA VAL D 117 19.55 -3.10 3.83
C VAL D 117 20.89 -2.84 4.51
N THR D 118 21.96 -3.34 3.91
CA THR D 118 23.29 -3.25 4.49
C THR D 118 24.23 -2.50 3.55
N PHE D 119 25.08 -1.66 4.13
CA PHE D 119 26.08 -0.90 3.41
C PHE D 119 27.45 -1.55 3.60
N GLY D 120 28.40 -1.10 2.78
CA GLY D 120 29.77 -1.48 2.98
C GLY D 120 30.44 -0.67 4.07
N GLN D 121 31.56 -1.19 4.57
CA GLN D 121 32.29 -0.50 5.62
C GLN D 121 32.84 0.84 5.17
N GLY D 122 33.01 1.03 3.87
CA GLY D 122 33.54 2.27 3.34
C GLY D 122 35.00 2.14 2.94
N THR D 123 35.40 2.96 1.96
CA THR D 123 36.77 2.95 1.45
C THR D 123 37.20 4.38 1.23
N LYS D 124 38.16 4.84 2.02
CA LYS D 124 38.70 6.19 1.87
C LYS D 124 39.71 6.22 0.73
N VAL D 125 39.46 7.09 -0.25
CA VAL D 125 40.35 7.26 -1.40
C VAL D 125 41.07 8.58 -1.20
N GLU D 126 42.40 8.52 -1.05
CA GLU D 126 43.20 9.69 -0.71
C GLU D 126 44.25 9.91 -1.79
N ILE D 127 44.67 11.17 -1.92
CA ILE D 127 45.69 11.55 -2.89
C ILE D 127 47.06 11.33 -2.26
N LYS D 128 47.94 10.65 -2.99
CA LYS D 128 49.29 10.37 -2.54
C LYS D 128 50.27 11.36 -3.14
N ARG D 129 51.47 11.40 -2.56
CA ARG D 129 52.57 12.24 -3.05
C ARG D 129 53.85 11.75 -2.38
N THR D 130 54.93 12.50 -2.58
CA THR D 130 56.23 12.09 -2.06
C THR D 130 56.25 12.17 -0.53
N VAL D 131 57.05 11.29 0.08
CA VAL D 131 57.14 11.23 1.53
C VAL D 131 57.94 12.41 2.04
N ALA D 132 57.52 12.96 3.18
CA ALA D 132 58.21 14.07 3.82
C ALA D 132 58.51 13.70 5.27
N ALA D 133 59.61 14.23 5.79
CA ALA D 133 60.02 13.91 7.15
C ALA D 133 59.10 14.59 8.16
N PRO D 134 58.52 13.84 9.09
CA PRO D 134 57.68 14.46 10.12
C PRO D 134 58.51 15.27 11.11
N SER D 135 57.85 16.22 11.75
CA SER D 135 58.44 17.05 12.79
C SER D 135 57.78 16.73 14.13
N VAL D 136 58.59 16.53 15.16
CA VAL D 136 58.13 16.09 16.46
C VAL D 136 58.38 17.19 17.48
N PHE D 137 57.40 17.43 18.34
CA PHE D 137 57.50 18.41 19.42
C PHE D 137 56.94 17.81 20.70
N ILE D 138 57.34 18.38 21.83
CA ILE D 138 56.87 17.95 23.14
C ILE D 138 56.38 19.16 23.91
N PHE D 139 55.17 19.09 24.44
CA PHE D 139 54.59 20.17 25.23
C PHE D 139 54.22 19.66 26.61
N PRO D 140 54.88 20.13 27.67
CA PRO D 140 54.53 19.69 29.03
C PRO D 140 53.21 20.29 29.47
N PRO D 141 52.55 19.68 30.45
CA PRO D 141 51.34 20.30 31.02
C PRO D 141 51.66 21.58 31.77
N SER D 142 50.67 22.46 31.82
CA SER D 142 50.84 23.75 32.47
C SER D 142 50.97 23.61 33.98
N ASP D 143 51.62 24.59 34.60
CA ASP D 143 51.69 24.63 36.06
C ASP D 143 50.32 24.87 36.67
N SER D 144 49.48 25.67 36.01
CA SER D 144 48.11 25.83 36.48
C SER D 144 47.34 24.52 36.41
N GLN D 145 47.57 23.73 35.35
CA GLN D 145 46.96 22.41 35.26
C GLN D 145 47.44 21.50 36.38
N LEU D 146 48.73 21.56 36.70
CA LEU D 146 49.26 20.80 37.82
C LEU D 146 48.60 21.21 39.13
N LYS D 147 48.43 22.52 39.34
CA LYS D 147 47.73 23.01 40.51
C LYS D 147 46.26 22.63 40.50
N SER D 148 45.70 22.31 39.33
CA SER D 148 44.33 21.83 39.23
C SER D 148 44.20 20.34 39.53
N GLY D 149 45.30 19.65 39.79
CA GLY D 149 45.26 18.24 40.11
C GLY D 149 45.25 17.30 38.92
N THR D 150 45.49 17.80 37.72
CA THR D 150 45.46 16.99 36.51
C THR D 150 46.74 17.19 35.73
N ALA D 151 47.07 16.18 34.93
CA ALA D 151 48.26 16.21 34.09
C ALA D 151 47.88 15.88 32.65
N SER D 152 48.59 16.50 31.71
CA SER D 152 48.33 16.27 30.28
C SER D 152 49.66 16.39 29.55
N VAL D 153 50.31 15.25 29.33
CA VAL D 153 51.55 15.19 28.56
C VAL D 153 51.18 14.92 27.11
N VAL D 154 51.61 15.83 26.22
CA VAL D 154 51.24 15.76 24.81
C VAL D 154 52.49 15.91 23.94
N CYS D 155 52.45 15.28 22.78
CA CYS D 155 53.46 15.46 21.74
C CYS D 155 52.75 15.64 20.41
N LEU D 156 53.39 16.39 19.51
CA LEU D 156 52.80 16.79 18.24
C LEU D 156 53.63 16.25 17.08
N LEU D 157 52.98 15.54 16.16
CA LEU D 157 53.58 15.11 14.91
C LEU D 157 53.01 15.97 13.78
N ASN D 158 53.88 16.52 12.95
CA ASN D 158 53.47 17.43 11.89
C ASN D 158 53.99 16.95 10.55
N ASN D 159 53.10 16.94 9.56
CA ASN D 159 53.46 16.74 8.16
C ASN D 159 54.14 15.39 7.92
N PHE D 160 53.37 14.32 8.13
CA PHE D 160 53.80 12.97 7.77
C PHE D 160 52.80 12.37 6.80
N TYR D 161 53.31 11.76 5.74
CA TYR D 161 52.51 11.23 4.64
C TYR D 161 52.04 9.78 4.82
N PRO D 162 52.93 8.82 5.20
CA PRO D 162 52.52 7.41 5.19
C PRO D 162 51.33 7.09 6.09
N ARG D 163 51.08 7.91 7.10
CA ARG D 163 50.00 7.81 8.08
C ARG D 163 50.24 6.68 9.08
N GLU D 164 51.47 6.23 9.28
CA GLU D 164 51.73 5.20 10.29
C GLU D 164 51.66 5.77 11.69
N ALA D 165 52.54 6.74 11.99
CA ALA D 165 52.59 7.39 13.30
C ALA D 165 52.80 6.40 14.44
N LYS D 166 51.74 6.17 15.23
CA LYS D 166 51.76 5.22 16.35
C LYS D 166 52.84 5.56 17.36
N VAL D 167 52.71 6.71 18.04
CA VAL D 167 53.68 7.16 19.02
C VAL D 167 53.47 6.44 20.34
N GLN D 168 54.54 6.34 21.12
CA GLN D 168 54.53 5.76 22.46
C GLN D 168 55.05 6.80 23.46
N TRP D 169 55.14 6.39 24.72
CA TRP D 169 55.60 7.34 25.74
C TRP D 169 56.82 6.87 26.52
N LYS D 170 56.87 5.60 26.92
CA LYS D 170 57.96 5.04 27.70
C LYS D 170 58.25 5.89 28.94
N VAL D 171 57.23 5.99 29.80
CA VAL D 171 57.35 6.79 31.02
C VAL D 171 58.16 6.02 32.06
N ASP D 172 59.27 6.62 32.50
CA ASP D 172 60.19 5.98 33.46
C ASP D 172 60.61 4.59 32.97
N ASN D 173 60.95 4.51 31.68
CA ASN D 173 61.36 3.26 31.03
C ASN D 173 60.27 2.20 31.10
N ALA D 174 59.02 2.63 31.22
CA ALA D 174 57.87 1.74 31.22
C ALA D 174 56.93 2.17 30.10
N LEU D 175 56.61 1.23 29.21
CA LEU D 175 55.77 1.54 28.05
C LEU D 175 54.31 1.71 28.45
N GLN D 176 53.89 2.94 28.67
CA GLN D 176 52.51 3.21 29.03
C GLN D 176 51.60 2.97 27.84
N SER D 177 50.41 2.43 28.11
CA SER D 177 49.45 2.12 27.06
C SER D 177 48.05 2.13 27.65
N GLY D 178 47.06 2.20 26.76
CA GLY D 178 45.66 2.22 27.17
C GLY D 178 45.05 3.57 27.40
N ASN D 179 45.70 4.39 28.24
CA ASN D 179 45.18 5.71 28.56
C ASN D 179 45.58 6.78 27.54
N SER D 180 46.46 6.45 26.60
CA SER D 180 46.87 7.42 25.59
C SER D 180 45.72 7.71 24.63
N GLN D 181 45.61 8.97 24.23
CA GLN D 181 44.60 9.41 23.27
C GLN D 181 45.29 10.12 22.12
N GLU D 182 44.79 9.90 20.90
CA GLU D 182 45.39 10.48 19.71
C GLU D 182 44.31 11.02 18.80
N SER D 183 44.68 12.02 17.99
CA SER D 183 43.78 12.62 17.02
C SER D 183 44.58 13.02 15.79
N VAL D 184 44.03 12.73 14.61
CA VAL D 184 44.67 13.02 13.34
C VAL D 184 43.78 13.98 12.56
N THR D 185 44.38 15.05 12.04
CA THR D 185 43.63 16.00 11.26
C THR D 185 43.35 15.44 9.86
N GLU D 186 42.47 16.13 9.14
CA GLU D 186 42.11 15.73 7.79
C GLU D 186 43.24 16.10 6.82
N GLN D 187 43.24 15.42 5.67
CA GLN D 187 44.23 15.69 4.64
C GLN D 187 44.08 17.13 4.14
N ASP D 188 45.19 17.85 4.09
CA ASP D 188 45.16 19.27 3.75
C ASP D 188 44.85 19.48 2.29
N SER D 189 44.24 20.63 1.99
CA SER D 189 43.89 20.96 0.61
C SER D 189 45.10 21.41 -0.19
N LYS D 190 46.07 22.07 0.44
CA LYS D 190 47.27 22.55 -0.23
C LYS D 190 48.52 21.77 0.13
N ASP D 191 48.58 21.18 1.32
CA ASP D 191 49.72 20.37 1.75
C ASP D 191 49.49 18.88 1.57
N SER D 192 48.26 18.42 1.81
CA SER D 192 47.87 17.01 1.64
C SER D 192 48.71 16.10 2.54
N THR D 193 48.73 16.44 3.82
CA THR D 193 49.47 15.68 4.81
C THR D 193 48.64 15.55 6.08
N TYR D 194 49.08 14.68 6.98
CA TYR D 194 48.40 14.41 8.24
C TYR D 194 49.24 14.88 9.42
N SER D 195 48.57 15.47 10.40
CA SER D 195 49.20 15.88 11.65
C SER D 195 48.56 15.11 12.80
N LEU D 196 49.39 14.50 13.64
CA LEU D 196 48.92 13.69 14.76
C LEU D 196 49.18 14.42 16.07
N SER D 197 48.15 14.52 16.90
CA SER D 197 48.26 15.06 18.25
C SER D 197 47.93 13.96 19.24
N SER D 198 48.88 13.61 20.09
CA SER D 198 48.70 12.56 21.09
C SER D 198 48.69 13.17 22.48
N THR D 199 47.78 12.69 23.33
CA THR D 199 47.61 13.20 24.69
C THR D 199 47.70 12.05 25.68
N LEU D 200 48.22 12.35 26.87
CA LEU D 200 48.32 11.38 27.95
C LEU D 200 47.74 12.00 29.21
N THR D 201 46.86 11.27 29.88
CA THR D 201 46.21 11.73 31.11
C THR D 201 46.77 10.95 32.30
N LEU D 202 47.21 11.69 33.31
CA LEU D 202 47.76 11.10 34.52
C LEU D 202 47.07 11.69 35.74
N SER D 203 47.12 10.95 36.85
CA SER D 203 46.48 11.38 38.08
C SER D 203 47.28 12.51 38.73
N LYS D 204 46.76 13.00 39.85
CA LYS D 204 47.40 14.12 40.55
C LYS D 204 48.79 13.74 41.05
N ALA D 205 48.92 12.56 41.64
CA ALA D 205 50.20 12.12 42.20
C ALA D 205 51.05 11.35 41.20
N ASP D 206 50.52 11.05 40.01
CA ASP D 206 51.29 10.28 39.03
C ASP D 206 52.35 11.14 38.35
N TYR D 207 52.04 12.42 38.11
CA TYR D 207 53.00 13.29 37.44
C TYR D 207 54.23 13.53 38.31
N GLU D 208 54.06 13.68 39.62
CA GLU D 208 55.19 13.84 40.52
C GLU D 208 55.93 12.52 40.74
N LYS D 209 55.22 11.40 40.64
CA LYS D 209 55.86 10.10 40.86
C LYS D 209 56.92 9.81 39.80
N HIS D 210 56.64 10.15 38.55
CA HIS D 210 57.54 9.88 37.43
C HIS D 210 58.14 11.20 36.95
N LYS D 211 59.48 11.25 36.90
CA LYS D 211 60.19 12.44 36.48
C LYS D 211 60.78 12.34 35.08
N VAL D 212 60.58 11.23 34.39
CA VAL D 212 61.10 11.01 33.05
C VAL D 212 59.92 10.76 32.10
N TYR D 213 59.87 11.54 31.03
CA TYR D 213 58.81 11.39 30.03
C TYR D 213 59.45 11.46 28.63
N ALA D 214 58.76 10.84 27.68
CA ALA D 214 59.24 10.82 26.31
C ALA D 214 58.06 10.58 25.38
N CYS D 215 58.34 10.69 24.07
CA CYS D 215 57.33 10.40 23.05
C CYS D 215 58.06 9.81 21.85
N GLU D 216 58.14 8.48 21.82
CA GLU D 216 58.81 7.77 20.74
C GLU D 216 57.92 7.71 19.51
N VAL D 217 58.54 7.85 18.34
CA VAL D 217 57.82 7.82 17.06
C VAL D 217 58.28 6.59 16.30
N THR D 218 57.34 5.72 15.94
CA THR D 218 57.60 4.53 15.14
C THR D 218 57.14 4.73 13.70
N HIS D 219 57.30 5.94 13.17
CA HIS D 219 56.79 6.27 11.84
C HIS D 219 57.55 5.51 10.76
N GLN D 220 56.83 5.18 9.69
CA GLN D 220 57.41 4.49 8.55
C GLN D 220 58.06 5.45 7.56
N GLY D 221 57.84 6.75 7.70
CA GLY D 221 58.36 7.73 6.76
C GLY D 221 59.81 8.09 6.91
N LEU D 222 60.50 7.54 7.91
CA LEU D 222 61.92 7.83 8.13
C LEU D 222 62.66 6.52 8.40
N SER D 223 63.99 6.61 8.32
CA SER D 223 64.81 5.40 8.36
C SER D 223 64.72 4.68 9.71
N SER D 224 64.93 5.42 10.80
CA SER D 224 65.02 4.81 12.11
C SER D 224 64.07 5.50 13.08
N PRO D 225 63.59 4.78 14.09
CA PRO D 225 62.72 5.41 15.10
C PRO D 225 63.44 6.53 15.82
N VAL D 226 62.70 7.59 16.12
CA VAL D 226 63.22 8.78 16.79
C VAL D 226 62.44 8.99 18.07
N THR D 227 63.15 9.19 19.18
CA THR D 227 62.54 9.39 20.48
C THR D 227 62.90 10.78 21.00
N LYS D 228 61.88 11.56 21.34
CA LYS D 228 62.06 12.87 21.97
C LYS D 228 61.79 12.72 23.45
N SER D 229 62.75 13.13 24.27
CA SER D 229 62.68 12.94 25.71
C SER D 229 62.49 14.27 26.44
N PHE D 230 61.98 14.17 27.66
CA PHE D 230 61.74 15.35 28.48
C PHE D 230 61.88 14.95 29.95
N ASN D 231 62.11 15.97 30.79
CA ASN D 231 62.26 15.77 32.22
C ASN D 231 61.71 16.98 32.96
N ARG D 232 61.39 16.77 34.23
CA ARG D 232 60.87 17.84 35.07
C ARG D 232 61.93 18.91 35.27
N GLY D 233 61.49 20.16 35.28
CA GLY D 233 62.39 21.29 35.42
C GLY D 233 63.08 21.71 34.14
N GLU D 234 62.78 21.07 33.02
CA GLU D 234 63.38 21.39 31.73
C GLU D 234 62.47 22.32 30.96
N CYS D 235 63.04 23.41 30.43
CA CYS D 235 62.27 24.38 29.67
C CYS D 235 61.79 23.81 28.35
N ASP E 191 -67.85 -11.66 22.88
CA ASP E 191 -68.45 -13.00 22.87
C ASP E 191 -67.78 -13.89 21.82
N VAL E 192 -66.47 -14.06 21.95
CA VAL E 192 -65.68 -14.88 21.05
C VAL E 192 -65.32 -16.18 21.77
N ASN E 193 -65.58 -17.31 21.13
CA ASN E 193 -65.35 -18.63 21.71
C ASN E 193 -64.02 -19.17 21.20
N THR E 194 -63.03 -19.21 22.08
CA THR E 194 -61.73 -19.79 21.75
C THR E 194 -61.06 -20.25 23.05
N ASP E 195 -60.30 -21.33 22.95
CA ASP E 195 -59.61 -21.85 24.12
C ASP E 195 -58.47 -20.92 24.52
N ILE E 196 -58.27 -20.76 25.83
CA ILE E 196 -57.17 -19.93 26.32
C ILE E 196 -55.82 -20.57 25.97
N TYR E 197 -55.72 -21.89 26.11
CA TYR E 197 -54.47 -22.57 25.75
C TYR E 197 -54.17 -22.43 24.27
N SER E 198 -55.20 -22.56 23.42
CA SER E 198 -55.00 -22.38 21.99
C SER E 198 -54.54 -20.97 21.66
N LYS E 199 -55.15 -19.96 22.31
CA LYS E 199 -54.74 -18.58 22.09
C LYS E 199 -53.30 -18.35 22.54
N VAL E 200 -52.92 -18.93 23.68
CA VAL E 200 -51.55 -18.77 24.17
C VAL E 200 -50.56 -19.42 23.22
N LEU E 201 -50.88 -20.62 22.74
CA LEU E 201 -50.00 -21.30 21.79
C LEU E 201 -49.88 -20.51 20.49
N VAL E 202 -50.99 -19.96 20.01
CA VAL E 202 -50.96 -19.14 18.79
C VAL E 202 -50.10 -17.91 19.01
N THR E 203 -50.22 -17.27 20.17
CA THR E 203 -49.40 -16.09 20.46
C THR E 203 -47.92 -16.44 20.51
N ALA E 204 -47.58 -17.57 21.15
CA ALA E 204 -46.17 -17.97 21.21
C ALA E 204 -45.62 -18.27 19.83
N VAL E 205 -46.40 -18.99 19.00
CA VAL E 205 -45.97 -19.29 17.64
C VAL E 205 -45.80 -18.00 16.84
N TYR E 206 -46.72 -17.06 17.02
CA TYR E 206 -46.63 -15.78 16.32
C TYR E 206 -45.38 -15.02 16.72
N LEU E 207 -45.07 -14.99 18.02
CA LEU E 207 -43.87 -14.31 18.47
C LEU E 207 -42.60 -14.97 17.93
N ALA E 208 -42.55 -16.30 17.94
CA ALA E 208 -41.38 -17.00 17.41
C ALA E 208 -41.22 -16.73 15.91
N LEU E 209 -42.32 -16.80 15.16
CA LEU E 209 -42.24 -16.52 13.72
C LEU E 209 -41.85 -15.08 13.47
N PHE E 210 -42.35 -14.15 14.29
CA PHE E 210 -42.02 -12.74 14.12
C PHE E 210 -40.53 -12.51 14.34
N VAL E 211 -39.98 -13.07 15.42
CA VAL E 211 -38.56 -12.83 15.70
C VAL E 211 -37.69 -13.50 14.63
N VAL E 212 -38.07 -14.70 14.20
CA VAL E 212 -37.29 -15.39 13.17
C VAL E 212 -37.30 -14.58 11.88
N GLY E 213 -38.48 -14.13 11.45
CA GLY E 213 -38.57 -13.37 10.22
C GLY E 213 -37.85 -12.04 10.29
N THR E 214 -37.98 -11.33 11.42
CA THR E 214 -37.30 -10.05 11.57
C THR E 214 -35.79 -10.24 11.52
N VAL E 215 -35.27 -11.24 12.25
CA VAL E 215 -33.83 -11.47 12.26
C VAL E 215 -33.35 -11.83 10.86
N GLY E 216 -34.07 -12.74 10.19
CA GLY E 216 -33.66 -13.15 8.85
C GLY E 216 -33.67 -12.03 7.83
N ASN E 217 -34.74 -11.23 7.84
CA ASN E 217 -34.83 -10.13 6.90
C ASN E 217 -33.80 -9.05 7.19
N THR E 218 -33.48 -8.82 8.47
CA THR E 218 -32.46 -7.83 8.80
C THR E 218 -31.07 -8.28 8.33
N VAL E 219 -30.73 -9.54 8.60
CA VAL E 219 -29.41 -10.01 8.16
C VAL E 219 -29.36 -10.05 6.64
N THR E 220 -30.47 -10.40 5.98
CA THR E 220 -30.53 -10.36 4.53
C THR E 220 -30.32 -8.94 3.99
N ALA E 221 -30.98 -7.96 4.62
CA ALA E 221 -30.83 -6.58 4.18
C ALA E 221 -29.39 -6.11 4.33
N PHE E 222 -28.74 -6.45 5.43
CA PHE E 222 -27.33 -6.11 5.58
C PHE E 222 -26.46 -6.90 4.62
N THR E 223 -26.90 -8.11 4.24
CA THR E 223 -26.13 -8.95 3.32
C THR E 223 -26.07 -8.33 1.93
N LEU E 224 -27.23 -7.94 1.39
CA LEU E 224 -27.23 -7.25 0.08
C LEU E 224 -27.00 -5.75 0.29
N ALA E 225 -25.90 -5.45 0.98
CA ALA E 225 -25.34 -4.10 1.01
C ALA E 225 -24.25 -3.90 -0.04
N ARG E 226 -23.90 -4.96 -0.79
CA ARG E 226 -22.99 -4.94 -1.92
C ARG E 226 -21.54 -4.75 -1.50
N LYS E 227 -21.31 -4.45 -0.23
CA LYS E 227 -19.96 -4.28 0.36
C LYS E 227 -19.17 -3.33 -0.56
N LYS E 228 -17.97 -3.69 -0.98
CA LYS E 228 -17.18 -2.90 -1.91
C LYS E 228 -16.58 -3.81 -2.98
N SER E 229 -16.57 -3.31 -4.22
CA SER E 229 -16.01 -3.99 -5.38
C SER E 229 -16.73 -5.28 -5.76
N LEU E 230 -17.96 -5.48 -5.30
CA LEU E 230 -18.72 -6.69 -5.60
C LEU E 230 -19.91 -6.42 -6.50
N GLN E 231 -19.95 -5.27 -7.17
CA GLN E 231 -21.08 -4.89 -8.01
C GLN E 231 -20.84 -5.38 -9.44
N SER E 232 -21.65 -6.33 -9.88
CA SER E 232 -21.49 -6.91 -11.22
C SER E 232 -22.04 -6.04 -12.33
N LEU E 233 -22.81 -4.99 -12.00
CA LEU E 233 -23.36 -4.02 -12.96
C LEU E 233 -24.19 -4.67 -14.05
N GLN E 234 -24.49 -5.96 -13.95
CA GLN E 234 -25.34 -6.65 -14.90
C GLN E 234 -26.41 -7.52 -14.25
N SER E 235 -26.25 -7.91 -13.00
CA SER E 235 -27.23 -8.69 -12.26
C SER E 235 -27.96 -7.76 -11.31
N THR E 236 -29.27 -7.59 -11.52
CA THR E 236 -30.07 -6.66 -10.76
C THR E 236 -30.97 -7.35 -9.73
N VAL E 237 -30.73 -8.65 -9.49
CA VAL E 237 -31.55 -9.39 -8.53
C VAL E 237 -31.38 -8.86 -7.11
N HIS E 238 -30.27 -8.18 -6.83
CA HIS E 238 -30.07 -7.64 -5.49
C HIS E 238 -31.13 -6.59 -5.17
N TYR E 239 -31.48 -5.75 -6.14
CA TYR E 239 -32.51 -4.74 -5.94
C TYR E 239 -33.83 -5.39 -5.54
N HIS E 240 -34.30 -6.36 -6.33
CA HIS E 240 -35.58 -6.99 -6.06
C HIS E 240 -35.56 -7.79 -4.77
N LEU E 241 -34.44 -8.49 -4.50
CA LEU E 241 -34.34 -9.27 -3.28
C LEU E 241 -34.38 -8.38 -2.05
N GLY E 242 -33.65 -7.25 -2.08
CA GLY E 242 -33.69 -6.32 -0.96
C GLY E 242 -35.04 -5.68 -0.79
N SER E 243 -35.71 -5.34 -1.89
CA SER E 243 -37.04 -4.76 -1.81
C SER E 243 -38.04 -5.74 -1.21
N LEU E 244 -37.95 -7.01 -1.62
CA LEU E 244 -38.84 -8.03 -1.05
C LEU E 244 -38.56 -8.24 0.43
N ALA E 245 -37.28 -8.27 0.81
CA ALA E 245 -36.93 -8.42 2.22
C ALA E 245 -37.45 -7.25 3.03
N LEU E 246 -37.30 -6.02 2.52
CA LEU E 246 -37.82 -4.85 3.21
C LEU E 246 -39.34 -4.91 3.33
N SER E 247 -40.02 -5.35 2.27
CA SER E 247 -41.47 -5.45 2.31
C SER E 247 -41.93 -6.45 3.36
N ASP E 248 -41.28 -7.62 3.42
CA ASP E 248 -41.65 -8.61 4.42
C ASP E 248 -41.37 -8.11 5.83
N LEU E 249 -40.21 -7.48 6.04
CA LEU E 249 -39.87 -6.97 7.36
C LEU E 249 -40.83 -5.89 7.80
N LEU E 250 -41.19 -4.98 6.89
CA LEU E 250 -42.16 -3.95 7.22
C LEU E 250 -43.53 -4.57 7.52
N THR E 251 -43.94 -5.57 6.75
CA THR E 251 -45.17 -6.27 7.04
C THR E 251 -45.17 -6.76 8.48
N LEU E 252 -44.10 -7.47 8.87
CA LEU E 252 -44.02 -8.02 10.21
C LEU E 252 -44.09 -6.91 11.26
N LEU E 253 -43.22 -5.90 11.13
CA LEU E 253 -43.13 -4.86 12.16
C LEU E 253 -44.41 -4.05 12.28
N LEU E 254 -45.03 -3.70 11.16
CA LEU E 254 -46.21 -2.86 11.18
C LEU E 254 -47.51 -3.63 11.35
N ALA E 255 -47.47 -4.96 11.35
CA ALA E 255 -48.69 -5.74 11.54
C ALA E 255 -48.71 -6.52 12.84
N MET E 256 -47.67 -7.33 13.13
CA MET E 256 -47.75 -8.27 14.23
C MET E 256 -47.97 -7.62 15.59
N PRO E 257 -47.19 -6.63 16.03
CA PRO E 257 -47.43 -6.09 17.38
C PRO E 257 -48.81 -5.48 17.54
N VAL E 258 -49.31 -4.79 16.52
CA VAL E 258 -50.65 -4.22 16.60
C VAL E 258 -51.70 -5.32 16.53
N GLU E 259 -51.52 -6.27 15.60
CA GLU E 259 -52.54 -7.30 15.38
C GLU E 259 -52.72 -8.17 16.61
N LEU E 260 -51.63 -8.57 17.26
CA LEU E 260 -51.71 -9.40 18.45
C LEU E 260 -52.57 -8.72 19.50
N TYR E 261 -52.09 -7.58 20.02
CA TYR E 261 -52.74 -6.89 21.12
C TYR E 261 -54.08 -6.29 20.73
N ASN E 262 -54.43 -6.23 19.45
CA ASN E 262 -55.73 -5.72 19.06
C ASN E 262 -56.77 -6.80 18.83
N PHE E 263 -56.38 -7.97 18.34
CA PHE E 263 -57.33 -9.01 17.97
C PHE E 263 -57.20 -10.29 18.79
N ILE E 264 -55.98 -10.78 19.00
CA ILE E 264 -55.80 -12.10 19.60
C ILE E 264 -55.68 -12.01 21.12
N TRP E 265 -54.81 -11.15 21.62
CA TRP E 265 -54.60 -11.03 23.06
C TRP E 265 -55.81 -10.43 23.74
N VAL E 266 -56.13 -9.17 23.40
CA VAL E 266 -57.34 -8.50 23.86
C VAL E 266 -58.00 -7.82 22.68
N HIS E 267 -59.32 -7.83 22.65
CA HIS E 267 -60.07 -7.31 21.51
C HIS E 267 -61.06 -6.21 21.85
N HIS E 268 -61.54 -6.11 23.08
CA HIS E 268 -62.56 -5.12 23.41
C HIS E 268 -62.09 -3.68 23.23
N PRO E 269 -60.93 -3.24 23.77
CA PRO E 269 -60.59 -1.82 23.66
C PRO E 269 -59.77 -1.48 22.43
N TRP E 270 -59.46 -0.19 22.26
CA TRP E 270 -58.61 0.29 21.19
C TRP E 270 -57.79 1.47 21.69
N ALA E 271 -56.66 1.72 21.04
CA ALA E 271 -55.70 2.71 21.52
C ALA E 271 -55.61 3.97 20.65
N PHE E 272 -55.46 3.81 19.34
CA PHE E 272 -55.13 4.93 18.47
C PHE E 272 -56.34 5.64 17.89
N GLY E 273 -57.55 5.25 18.26
CA GLY E 273 -58.74 5.88 17.74
C GLY E 273 -59.04 5.45 16.31
N ASP E 274 -60.03 6.13 15.72
CA ASP E 274 -60.46 5.79 14.36
C ASP E 274 -59.36 6.06 13.35
N ALA E 275 -58.64 7.18 13.50
CA ALA E 275 -57.57 7.50 12.55
C ALA E 275 -56.49 6.43 12.58
N GLY E 276 -56.08 6.00 13.78
CA GLY E 276 -55.09 4.95 13.88
C GLY E 276 -55.59 3.62 13.37
N CYS E 277 -56.86 3.30 13.66
CA CYS E 277 -57.43 2.04 13.22
C CYS E 277 -57.60 1.99 11.71
N ARG E 278 -57.70 3.14 11.04
CA ARG E 278 -57.71 3.17 9.59
C ARG E 278 -56.29 3.16 9.01
N GLY E 279 -55.37 3.90 9.63
CA GLY E 279 -53.99 3.91 9.15
C GLY E 279 -53.31 2.56 9.28
N TYR E 280 -53.63 1.80 10.33
CA TYR E 280 -53.05 0.47 10.50
C TYR E 280 -53.47 -0.46 9.36
N TYR E 281 -54.76 -0.45 9.01
CA TYR E 281 -55.22 -1.27 7.90
C TYR E 281 -54.64 -0.78 6.57
N PHE E 282 -54.50 0.54 6.41
CA PHE E 282 -53.85 1.06 5.21
C PHE E 282 -52.43 0.55 5.09
N LEU E 283 -51.68 0.58 6.20
CA LEU E 283 -50.30 0.11 6.19
C LEU E 283 -50.23 -1.38 5.90
N ARG E 284 -51.14 -2.17 6.49
CA ARG E 284 -51.18 -3.60 6.22
C ARG E 284 -51.44 -3.88 4.74
N ASP E 285 -52.41 -3.17 4.17
CA ASP E 285 -52.72 -3.35 2.75
C ASP E 285 -51.53 -2.96 1.87
N ALA E 286 -50.88 -1.84 2.19
CA ALA E 286 -49.73 -1.41 1.41
C ALA E 286 -48.59 -2.42 1.49
N CYS E 287 -48.33 -2.95 2.68
CA CYS E 287 -47.27 -3.93 2.83
C CYS E 287 -47.56 -5.21 2.07
N THR E 288 -48.81 -5.70 2.14
CA THR E 288 -49.18 -6.90 1.39
C THR E 288 -49.04 -6.68 -0.11
N TYR E 289 -49.50 -5.52 -0.59
CA TYR E 289 -49.37 -5.21 -2.01
C TYR E 289 -47.91 -5.13 -2.42
N ALA E 290 -47.08 -4.50 -1.59
CA ALA E 290 -45.66 -4.40 -1.90
C ALA E 290 -45.02 -5.78 -1.98
N THR E 291 -45.36 -6.66 -1.05
CA THR E 291 -44.81 -8.02 -1.08
C THR E 291 -45.21 -8.75 -2.36
N ALA E 292 -46.50 -8.74 -2.69
CA ALA E 292 -46.98 -9.47 -3.86
C ALA E 292 -46.37 -8.91 -5.14
N LEU E 293 -46.38 -7.58 -5.29
CA LEU E 293 -45.83 -6.96 -6.48
C LEU E 293 -44.32 -7.15 -6.57
N ASN E 294 -43.63 -7.19 -5.44
CA ASN E 294 -42.18 -7.41 -5.47
C ASN E 294 -41.85 -8.83 -5.90
N VAL E 295 -42.62 -9.81 -5.43
CA VAL E 295 -42.40 -11.18 -5.90
C VAL E 295 -42.68 -11.29 -7.38
N ALA E 296 -43.77 -10.67 -7.84
CA ALA E 296 -44.09 -10.71 -9.27
C ALA E 296 -42.99 -10.04 -10.10
N SER E 297 -42.47 -8.91 -9.63
CA SER E 297 -41.43 -8.20 -10.37
C SER E 297 -40.13 -9.00 -10.39
N LEU E 298 -39.81 -9.68 -9.27
CA LEU E 298 -38.64 -10.55 -9.27
C LEU E 298 -38.79 -11.68 -10.29
N SER E 299 -39.99 -12.27 -10.36
CA SER E 299 -40.24 -13.30 -11.37
C SER E 299 -40.08 -12.73 -12.77
N VAL E 300 -40.61 -11.53 -13.01
CA VAL E 300 -40.53 -10.94 -14.34
C VAL E 300 -39.09 -10.65 -14.72
N GLU E 301 -38.30 -10.12 -13.79
CA GLU E 301 -36.90 -9.83 -14.07
C GLU E 301 -36.12 -11.11 -14.36
N ARG E 302 -36.36 -12.16 -13.57
CA ARG E 302 -35.67 -13.42 -13.81
C ARG E 302 -36.05 -14.01 -15.16
N TYR E 303 -37.33 -13.91 -15.53
CA TYR E 303 -37.78 -14.38 -16.82
C TYR E 303 -37.10 -13.61 -17.96
N LEU E 304 -37.04 -12.28 -17.82
CA LEU E 304 -36.38 -11.47 -18.83
C LEU E 304 -34.91 -11.84 -18.96
N ALA E 305 -34.25 -12.12 -17.84
CA ALA E 305 -32.83 -12.44 -17.87
C ALA E 305 -32.58 -13.80 -18.51
N ILE E 306 -33.38 -14.81 -18.14
CA ILE E 306 -33.09 -16.18 -18.55
C ILE E 306 -33.66 -16.50 -19.92
N CYS E 307 -34.95 -16.25 -20.13
CA CYS E 307 -35.60 -16.72 -21.35
C CYS E 307 -35.18 -15.90 -22.56
N HIS E 308 -35.01 -14.59 -22.41
CA HIS E 308 -34.58 -13.71 -23.49
C HIS E 308 -33.42 -12.84 -23.01
N PRO E 309 -32.22 -13.41 -22.86
CA PRO E 309 -31.06 -12.58 -22.53
C PRO E 309 -30.75 -11.53 -23.58
N PHE E 310 -31.01 -11.83 -24.85
CA PHE E 310 -30.79 -10.86 -25.91
C PHE E 310 -31.74 -9.67 -25.78
N LYS E 311 -32.99 -9.93 -25.38
CA LYS E 311 -33.98 -8.88 -25.20
C LYS E 311 -33.99 -8.30 -23.80
N ALA E 312 -33.06 -8.71 -22.94
CA ALA E 312 -33.03 -8.25 -21.55
C ALA E 312 -32.23 -6.97 -21.38
N LYS E 313 -30.95 -7.00 -21.77
CA LYS E 313 -30.09 -5.84 -21.56
C LYS E 313 -30.58 -4.62 -22.33
N THR E 314 -31.23 -4.83 -23.48
CA THR E 314 -31.77 -3.71 -24.23
C THR E 314 -32.89 -3.01 -23.46
N LEU E 315 -33.73 -3.78 -22.77
CA LEU E 315 -34.88 -3.26 -22.05
C LEU E 315 -34.70 -3.35 -20.53
N MET E 316 -33.47 -3.13 -20.06
CA MET E 316 -33.21 -3.14 -18.62
C MET E 316 -31.93 -2.37 -18.34
N SER E 317 -31.83 -1.86 -17.11
CA SER E 317 -30.67 -1.14 -16.63
C SER E 317 -30.78 -1.00 -15.12
N ARG E 318 -29.74 -0.45 -14.51
CA ARG E 318 -29.77 -0.23 -13.06
C ARG E 318 -30.72 0.90 -12.69
N SER E 319 -30.70 2.00 -13.46
CA SER E 319 -31.61 3.10 -13.19
C SER E 319 -33.06 2.69 -13.43
N ARG E 320 -33.32 1.94 -14.50
CA ARG E 320 -34.67 1.44 -14.75
C ARG E 320 -35.13 0.51 -13.64
N THR E 321 -34.22 -0.33 -13.13
CA THR E 321 -34.58 -1.22 -12.04
C THR E 321 -34.89 -0.44 -10.76
N LYS E 322 -34.13 0.62 -10.49
CA LYS E 322 -34.42 1.46 -9.32
C LYS E 322 -35.77 2.14 -9.46
N LYS E 323 -36.06 2.65 -10.66
CA LYS E 323 -37.35 3.28 -10.91
C LYS E 323 -38.49 2.29 -10.74
N PHE E 324 -38.31 1.05 -11.22
CA PHE E 324 -39.31 0.02 -11.04
C PHE E 324 -39.52 -0.30 -9.57
N ILE E 325 -38.42 -0.39 -8.80
CA ILE E 325 -38.53 -0.72 -7.38
C ILE E 325 -39.31 0.38 -6.66
N SER E 326 -39.06 1.64 -7.01
CA SER E 326 -39.83 2.73 -6.42
C SER E 326 -41.30 2.68 -6.85
N ALA E 327 -41.54 2.34 -8.12
CA ALA E 327 -42.90 2.34 -8.65
C ALA E 327 -43.75 1.26 -8.00
N ILE E 328 -43.17 0.12 -7.63
CA ILE E 328 -43.94 -0.92 -6.95
C ILE E 328 -44.49 -0.39 -5.62
N TRP E 329 -43.65 0.25 -4.82
CA TRP E 329 -44.13 0.82 -3.56
C TRP E 329 -45.13 1.94 -3.80
N LEU E 330 -44.91 2.76 -4.82
CA LEU E 330 -45.85 3.83 -5.12
C LEU E 330 -47.22 3.27 -5.46
N ALA E 331 -47.26 2.22 -6.30
CA ALA E 331 -48.53 1.59 -6.66
C ALA E 331 -49.17 0.93 -5.45
N SER E 332 -48.35 0.32 -4.58
CA SER E 332 -48.88 -0.30 -3.38
C SER E 332 -49.62 0.72 -2.52
N ALA E 333 -48.99 1.87 -2.28
CA ALA E 333 -49.66 2.91 -1.49
C ALA E 333 -50.90 3.43 -2.20
N LEU E 334 -50.80 3.67 -3.51
CA LEU E 334 -51.90 4.26 -4.25
C LEU E 334 -53.13 3.36 -4.24
N LEU E 335 -52.93 2.05 -4.36
CA LEU E 335 -54.09 1.17 -4.37
C LEU E 335 -54.41 0.65 -2.96
N ALA E 336 -53.60 1.02 -1.97
CA ALA E 336 -53.94 0.73 -0.58
C ALA E 336 -54.69 1.86 0.10
N VAL E 337 -54.70 3.06 -0.46
CA VAL E 337 -55.50 4.15 0.12
C VAL E 337 -57.00 3.84 0.20
N PRO E 338 -57.58 2.94 -0.62
CA PRO E 338 -58.97 2.55 -0.33
C PRO E 338 -59.17 1.99 1.06
N MET E 339 -58.17 1.29 1.60
CA MET E 339 -58.28 0.84 2.98
C MET E 339 -58.42 2.01 3.94
N LEU E 340 -57.69 3.10 3.68
CA LEU E 340 -57.85 4.31 4.47
C LEU E 340 -59.25 4.90 4.28
N PHE E 341 -59.76 4.89 3.06
CA PHE E 341 -61.04 5.53 2.78
C PHE E 341 -62.21 4.80 3.42
N THR E 342 -62.21 3.46 3.35
CA THR E 342 -63.37 2.71 3.82
C THR E 342 -63.33 2.38 5.31
N MET E 343 -62.15 2.28 5.91
CA MET E 343 -62.06 1.88 7.31
C MET E 343 -62.60 2.96 8.23
N GLY E 344 -63.03 2.54 9.42
CA GLY E 344 -63.54 3.46 10.42
C GLY E 344 -63.80 2.73 11.71
N GLU E 345 -64.14 3.51 12.74
CA GLU E 345 -64.40 2.98 14.08
C GLU E 345 -65.84 3.28 14.44
N GLN E 346 -66.66 2.23 14.53
CA GLN E 346 -68.04 2.33 15.00
C GLN E 346 -68.09 2.07 16.50
N ASN E 347 -69.31 1.97 17.01
CA ASN E 347 -69.52 1.69 18.43
C ASN E 347 -70.42 0.47 18.61
N GLY E 357 -67.76 -1.27 22.84
CA GLY E 357 -67.12 -2.08 21.81
C GLY E 357 -66.32 -1.24 20.82
N LEU E 358 -65.00 -1.42 20.84
CA LEU E 358 -64.12 -0.67 19.96
C LEU E 358 -63.85 -1.48 18.68
N VAL E 359 -64.91 -1.61 17.88
CA VAL E 359 -64.80 -2.32 16.61
C VAL E 359 -64.03 -1.47 15.60
N CYS E 360 -63.52 -2.14 14.56
CA CYS E 360 -62.77 -1.47 13.50
C CYS E 360 -63.33 -1.79 12.12
N THR E 361 -64.59 -2.20 12.04
CA THR E 361 -65.19 -2.55 10.77
C THR E 361 -65.30 -1.31 9.88
N PRO E 362 -65.16 -1.48 8.56
CA PRO E 362 -65.28 -0.32 7.65
C PRO E 362 -66.65 0.33 7.74
N THR E 363 -66.65 1.65 7.58
CA THR E 363 -67.87 2.45 7.68
C THR E 363 -68.66 2.49 6.39
N ILE E 364 -68.08 2.06 5.26
CA ILE E 364 -68.76 2.12 3.98
C ILE E 364 -69.91 1.13 3.94
N HIS E 365 -70.80 1.27 2.97
CA HIS E 365 -71.94 0.39 2.87
C HIS E 365 -71.50 -1.02 2.46
N THR E 366 -72.44 -1.96 2.55
CA THR E 366 -72.13 -3.35 2.26
C THR E 366 -71.67 -3.52 0.80
N ALA E 367 -72.34 -2.85 -0.14
CA ALA E 367 -71.93 -2.92 -1.53
C ALA E 367 -70.54 -2.32 -1.74
N THR E 368 -70.28 -1.17 -1.13
CA THR E 368 -68.97 -0.54 -1.28
C THR E 368 -67.86 -1.39 -0.67
N VAL E 369 -68.11 -1.94 0.52
CA VAL E 369 -67.11 -2.78 1.16
C VAL E 369 -66.87 -4.05 0.34
N LYS E 370 -67.94 -4.64 -0.19
CA LYS E 370 -67.80 -5.83 -1.01
C LYS E 370 -66.98 -5.54 -2.27
N VAL E 371 -67.25 -4.40 -2.92
CA VAL E 371 -66.49 -4.05 -4.12
C VAL E 371 -65.03 -3.78 -3.78
N VAL E 372 -64.78 -3.11 -2.65
CA VAL E 372 -63.40 -2.82 -2.25
C VAL E 372 -62.65 -4.11 -1.97
N ILE E 373 -63.28 -5.04 -1.27
CA ILE E 373 -62.63 -6.32 -0.99
C ILE E 373 -62.43 -7.13 -2.27
N GLN E 374 -63.39 -7.04 -3.21
CA GLN E 374 -63.24 -7.76 -4.47
C GLN E 374 -62.02 -7.25 -5.25
N VAL E 375 -61.92 -5.92 -5.41
CA VAL E 375 -60.79 -5.38 -6.15
C VAL E 375 -59.49 -5.62 -5.39
N ASN E 376 -59.53 -5.58 -4.05
CA ASN E 376 -58.33 -5.85 -3.25
C ASN E 376 -57.83 -7.27 -3.48
N THR E 377 -58.71 -8.26 -3.34
CA THR E 377 -58.29 -9.64 -3.54
C THR E 377 -57.88 -9.88 -4.98
N PHE E 378 -58.54 -9.22 -5.94
CA PHE E 378 -58.13 -9.35 -7.33
C PHE E 378 -56.71 -8.88 -7.53
N MET E 379 -56.45 -7.59 -7.29
CA MET E 379 -55.14 -7.01 -7.54
C MET E 379 -54.05 -7.53 -6.59
N SER E 380 -54.42 -8.23 -5.52
CA SER E 380 -53.43 -8.78 -4.61
C SER E 380 -53.12 -10.25 -4.85
N PHE E 381 -54.05 -11.02 -5.41
CA PHE E 381 -53.81 -12.43 -5.66
C PHE E 381 -53.85 -12.79 -7.14
N ILE E 382 -54.92 -12.43 -7.84
CA ILE E 382 -55.14 -12.98 -9.18
C ILE E 382 -54.07 -12.49 -10.15
N PHE E 383 -53.83 -11.18 -10.17
CA PHE E 383 -52.79 -10.65 -11.06
C PHE E 383 -51.40 -11.13 -10.68
N PRO E 384 -50.96 -11.06 -9.41
CA PRO E 384 -49.61 -11.55 -9.10
C PRO E 384 -49.42 -13.03 -9.36
N MET E 385 -50.44 -13.83 -9.03
CA MET E 385 -50.25 -15.29 -9.06
C MET E 385 -50.20 -15.84 -10.48
N VAL E 386 -50.94 -15.25 -11.43
CA VAL E 386 -50.87 -15.74 -12.80
C VAL E 386 -49.47 -15.50 -13.37
N VAL E 387 -48.90 -14.32 -13.10
CA VAL E 387 -47.53 -14.06 -13.53
C VAL E 387 -46.57 -15.02 -12.84
N ILE E 388 -46.72 -15.18 -11.52
CA ILE E 388 -45.85 -16.06 -10.75
C ILE E 388 -45.90 -17.48 -11.27
N SER E 389 -47.06 -17.94 -11.74
CA SER E 389 -47.20 -19.30 -12.26
C SER E 389 -46.60 -19.43 -13.64
N VAL E 390 -47.06 -18.61 -14.60
CA VAL E 390 -46.64 -18.81 -15.98
C VAL E 390 -45.16 -18.50 -16.16
N LEU E 391 -44.66 -17.41 -15.57
CA LEU E 391 -43.26 -17.07 -15.77
C LEU E 391 -42.34 -18.08 -15.07
N ASN E 392 -42.72 -18.52 -13.86
CA ASN E 392 -41.91 -19.51 -13.17
C ASN E 392 -41.90 -20.83 -13.92
N THR E 393 -43.04 -21.24 -14.48
CA THR E 393 -43.06 -22.46 -15.29
C THR E 393 -42.19 -22.31 -16.53
N ILE E 394 -42.22 -21.14 -17.17
CA ILE E 394 -41.39 -20.89 -18.34
C ILE E 394 -39.91 -21.00 -17.98
N ILE E 395 -39.52 -20.37 -16.86
CA ILE E 395 -38.12 -20.46 -16.44
C ILE E 395 -37.76 -21.91 -16.10
N ALA E 396 -38.66 -22.63 -15.45
CA ALA E 396 -38.37 -24.01 -15.06
C ALA E 396 -38.18 -24.91 -16.27
N ASN E 397 -39.00 -24.74 -17.31
CA ASN E 397 -38.87 -25.59 -18.48
C ASN E 397 -37.67 -25.17 -19.34
N LYS E 398 -37.38 -23.87 -19.38
CA LYS E 398 -36.19 -23.41 -20.10
C LYS E 398 -34.92 -23.88 -19.41
N LEU E 399 -34.91 -23.94 -18.09
CA LEU E 399 -33.76 -24.47 -17.36
C LEU E 399 -33.69 -25.99 -17.46
N THR E 400 -34.84 -26.66 -17.50
CA THR E 400 -34.85 -28.12 -17.57
C THR E 400 -34.26 -28.60 -18.89
N VAL E 401 -34.65 -27.96 -20.01
CA VAL E 401 -34.10 -28.37 -21.30
C VAL E 401 -32.62 -28.03 -21.39
N MET E 402 -32.20 -26.91 -20.78
CA MET E 402 -30.78 -26.56 -20.79
C MET E 402 -29.95 -27.59 -20.02
N VAL E 403 -30.47 -28.05 -18.89
CA VAL E 403 -29.79 -29.02 -18.04
C VAL E 403 -28.40 -28.53 -17.63
N PHE E 422 -26.54 -22.79 -15.83
CA PHE E 422 -25.75 -21.87 -16.64
C PHE E 422 -24.57 -21.31 -15.86
N SER E 423 -24.24 -20.05 -16.11
CA SER E 423 -23.16 -19.36 -15.44
C SER E 423 -23.69 -18.13 -14.72
N MET E 424 -23.26 -17.93 -13.48
CA MET E 424 -23.60 -16.75 -12.69
C MET E 424 -22.33 -16.21 -12.07
N ALA E 425 -21.81 -15.12 -12.64
CA ALA E 425 -20.62 -14.46 -12.11
C ALA E 425 -21.01 -13.65 -10.90
N ILE E 426 -20.84 -14.22 -9.71
CA ILE E 426 -21.24 -13.58 -8.47
C ILE E 426 -20.10 -12.75 -7.87
N GLU E 427 -19.00 -12.59 -8.59
CA GLU E 427 -17.83 -11.90 -8.09
C GLU E 427 -16.84 -11.76 -9.24
N PRO E 428 -15.87 -10.84 -9.14
CA PRO E 428 -14.85 -10.74 -10.20
C PRO E 428 -14.00 -12.00 -10.27
N GLY E 429 -14.10 -12.72 -11.39
CA GLY E 429 -13.34 -13.93 -11.58
C GLY E 429 -13.83 -15.14 -10.81
N ARG E 430 -15.06 -15.09 -10.28
CA ARG E 430 -15.65 -16.21 -9.58
C ARG E 430 -17.02 -16.51 -10.16
N VAL E 431 -17.43 -17.79 -10.08
CA VAL E 431 -18.69 -18.24 -10.61
C VAL E 431 -19.36 -19.14 -9.58
N GLN E 432 -20.64 -19.44 -9.83
CA GLN E 432 -21.42 -20.29 -8.94
C GLN E 432 -22.55 -20.91 -9.75
N ALA E 433 -23.24 -21.87 -9.12
CA ALA E 433 -24.35 -22.57 -9.72
C ALA E 433 -25.55 -22.52 -8.78
N LEU E 434 -26.70 -22.96 -9.28
CA LEU E 434 -27.94 -22.98 -8.52
C LEU E 434 -28.29 -24.43 -8.21
N ARG E 435 -28.43 -24.75 -6.93
CA ARG E 435 -28.60 -26.14 -6.54
C ARG E 435 -29.98 -26.67 -6.91
N HIS E 436 -31.02 -25.89 -6.65
CA HIS E 436 -32.41 -26.32 -6.86
C HIS E 436 -33.20 -25.23 -7.57
N GLY E 437 -32.66 -24.73 -8.67
CA GLY E 437 -33.31 -23.68 -9.44
C GLY E 437 -34.60 -24.10 -10.12
N VAL E 438 -35.07 -25.31 -9.84
CA VAL E 438 -36.34 -25.82 -10.36
C VAL E 438 -37.31 -26.16 -9.23
N ARG E 439 -36.84 -26.93 -8.23
CA ARG E 439 -37.70 -27.26 -7.10
C ARG E 439 -38.09 -25.99 -6.34
N VAL E 440 -37.11 -25.12 -6.05
CA VAL E 440 -37.42 -23.86 -5.39
C VAL E 440 -38.23 -22.94 -6.31
N LEU E 441 -37.93 -22.99 -7.62
CA LEU E 441 -38.64 -22.15 -8.57
C LEU E 441 -40.11 -22.53 -8.67
N ARG E 442 -40.45 -23.79 -8.37
CA ARG E 442 -41.85 -24.19 -8.29
C ARG E 442 -42.43 -23.98 -6.89
N ALA E 443 -41.59 -24.08 -5.86
CA ALA E 443 -42.05 -23.85 -4.50
C ALA E 443 -42.48 -22.41 -4.31
N VAL E 444 -41.78 -21.45 -4.92
CA VAL E 444 -42.18 -20.05 -4.82
C VAL E 444 -43.55 -19.83 -5.43
N VAL E 445 -44.02 -20.77 -6.26
CA VAL E 445 -45.37 -20.67 -6.80
C VAL E 445 -46.37 -21.38 -5.88
N ILE E 446 -46.10 -22.63 -5.54
CA ILE E 446 -47.12 -23.42 -4.86
C ILE E 446 -47.09 -23.14 -3.36
N ALA E 447 -46.27 -22.18 -2.94
CA ALA E 447 -46.32 -21.68 -1.57
C ALA E 447 -47.10 -20.38 -1.46
N PHE E 448 -47.38 -19.71 -2.57
CA PHE E 448 -48.21 -18.52 -2.57
C PHE E 448 -49.67 -18.83 -2.84
N VAL E 449 -50.00 -20.08 -3.15
CA VAL E 449 -51.39 -20.55 -3.11
C VAL E 449 -51.73 -21.14 -1.75
N VAL E 450 -50.75 -21.26 -0.85
CA VAL E 450 -50.99 -21.74 0.49
C VAL E 450 -50.91 -20.63 1.53
N CYS E 451 -50.17 -19.55 1.26
CA CYS E 451 -50.04 -18.43 2.18
C CYS E 451 -51.00 -17.28 1.85
N TRP E 452 -51.19 -16.97 0.57
CA TRP E 452 -52.11 -15.89 0.21
C TRP E 452 -53.55 -16.36 0.10
N LEU E 453 -53.76 -17.56 -0.45
CA LEU E 453 -55.12 -17.99 -0.79
C LEU E 453 -56.05 -18.09 0.42
N PRO E 454 -55.69 -18.76 1.52
CA PRO E 454 -56.63 -18.79 2.66
C PRO E 454 -56.95 -17.42 3.22
N TYR E 455 -55.96 -16.55 3.37
CA TYR E 455 -56.19 -15.23 3.93
C TYR E 455 -57.10 -14.40 3.04
N HIS E 456 -56.82 -14.39 1.73
CA HIS E 456 -57.65 -13.65 0.79
C HIS E 456 -59.06 -14.23 0.67
N VAL E 457 -59.20 -15.55 0.65
CA VAL E 457 -60.53 -16.13 0.59
C VAL E 457 -61.32 -15.85 1.87
N ARG E 458 -60.66 -15.80 3.02
CA ARG E 458 -61.35 -15.42 4.25
C ARG E 458 -61.81 -13.97 4.20
N ARG E 459 -60.92 -13.07 3.78
CA ARG E 459 -61.34 -11.67 3.69
C ARG E 459 -62.38 -11.44 2.60
N LEU E 460 -62.46 -12.35 1.63
CA LEU E 460 -63.56 -12.32 0.67
C LEU E 460 -64.86 -12.82 1.29
N MET E 461 -64.79 -13.90 2.09
CA MET E 461 -65.94 -14.42 2.80
C MET E 461 -66.40 -13.49 3.91
N PHE E 462 -65.61 -12.45 4.22
CA PHE E 462 -66.08 -11.39 5.11
C PHE E 462 -67.45 -10.89 4.66
N CYS E 463 -67.61 -10.62 3.37
CA CYS E 463 -68.88 -10.15 2.84
C CYS E 463 -69.18 -10.79 1.49
N TYR E 464 -70.16 -10.26 0.77
CA TYR E 464 -70.54 -10.69 -0.58
C TYR E 464 -70.98 -12.15 -0.65
N ILE E 465 -71.11 -12.82 0.50
CA ILE E 465 -71.58 -14.21 0.52
C ILE E 465 -72.64 -14.36 1.60
N SER E 466 -73.90 -14.22 1.20
CA SER E 466 -75.05 -14.31 2.11
C SER E 466 -74.84 -13.36 3.29
N ASP E 467 -75.36 -13.71 4.46
CA ASP E 467 -75.13 -12.96 5.69
C ASP E 467 -74.69 -13.95 6.77
N GLU E 468 -73.40 -14.26 6.78
CA GLU E 468 -72.78 -15.16 7.76
C GLU E 468 -73.48 -16.52 7.82
N GLN E 469 -74.22 -16.88 6.78
CA GLN E 469 -74.91 -18.17 6.68
C GLN E 469 -75.91 -18.38 7.83
N TRP E 470 -76.53 -17.28 8.27
CA TRP E 470 -77.64 -17.32 9.24
C TRP E 470 -77.22 -17.94 10.57
N THR E 471 -76.21 -17.34 11.19
CA THR E 471 -75.79 -17.66 12.56
C THR E 471 -75.57 -19.14 12.85
N PRO E 472 -74.72 -19.83 12.07
CA PRO E 472 -74.25 -21.16 12.47
C PRO E 472 -73.02 -21.05 13.36
N PHE E 473 -72.35 -22.18 13.59
CA PHE E 473 -71.06 -22.19 14.29
C PHE E 473 -70.00 -21.42 13.50
N LEU E 474 -70.42 -20.80 12.39
CA LEU E 474 -69.52 -19.99 11.58
C LEU E 474 -68.82 -18.90 12.38
N TYR E 475 -69.32 -18.56 13.57
CA TYR E 475 -68.61 -17.60 14.40
C TYR E 475 -67.24 -18.13 14.83
N ASP E 476 -67.23 -19.25 15.55
CA ASP E 476 -65.98 -19.90 15.90
C ASP E 476 -65.21 -20.35 14.66
N PHE E 477 -65.94 -20.76 13.60
CA PHE E 477 -65.28 -21.13 12.36
C PHE E 477 -64.48 -19.96 11.79
N TYR E 478 -65.07 -18.76 11.81
CA TYR E 478 -64.40 -17.59 11.26
C TYR E 478 -63.28 -17.11 12.17
N HIS E 479 -63.43 -17.27 13.49
CA HIS E 479 -62.34 -16.90 14.39
C HIS E 479 -61.12 -17.81 14.17
N TYR E 480 -61.35 -19.12 14.10
CA TYR E 480 -60.26 -20.04 13.78
C TYR E 480 -59.72 -19.78 12.37
N PHE E 481 -60.61 -19.40 11.46
CA PHE E 481 -60.20 -18.99 10.12
C PHE E 481 -59.22 -17.83 10.19
N TYR E 482 -59.53 -16.81 10.99
CA TYR E 482 -58.66 -15.66 11.13
C TYR E 482 -57.30 -16.08 11.68
N MET E 483 -57.30 -16.90 12.74
CA MET E 483 -56.04 -17.32 13.34
C MET E 483 -55.17 -18.07 12.33
N VAL E 484 -55.75 -19.09 11.68
CA VAL E 484 -54.99 -19.91 10.75
C VAL E 484 -54.54 -19.09 9.55
N THR E 485 -55.41 -18.23 9.03
CA THR E 485 -55.09 -17.47 7.83
C THR E 485 -54.00 -16.45 8.11
N ASN E 486 -54.03 -15.80 9.27
CA ASN E 486 -52.95 -14.87 9.59
C ASN E 486 -51.65 -15.61 9.85
N ALA E 487 -51.70 -16.82 10.42
CA ALA E 487 -50.48 -17.61 10.54
C ALA E 487 -49.89 -17.92 9.18
N LEU E 488 -50.72 -18.36 8.24
CA LEU E 488 -50.23 -18.67 6.90
C LEU E 488 -49.77 -17.42 6.16
N PHE E 489 -50.42 -16.29 6.40
CA PHE E 489 -49.97 -15.02 5.84
C PHE E 489 -48.59 -14.64 6.37
N TYR E 490 -48.33 -14.90 7.65
CA TYR E 490 -47.06 -14.54 8.24
C TYR E 490 -45.94 -15.50 7.82
N VAL E 491 -46.30 -16.75 7.51
CA VAL E 491 -45.31 -17.74 7.09
C VAL E 491 -44.57 -17.29 5.84
N SER E 492 -45.25 -16.59 4.93
CA SER E 492 -44.62 -16.13 3.70
C SER E 492 -43.51 -15.11 3.98
N SER E 493 -43.72 -14.26 4.99
CA SER E 493 -42.69 -13.29 5.36
C SER E 493 -41.45 -13.94 5.93
N THR E 494 -41.51 -15.22 6.27
CA THR E 494 -40.37 -15.94 6.82
C THR E 494 -39.73 -16.90 5.83
N ILE E 495 -40.52 -17.44 4.89
CA ILE E 495 -39.99 -18.48 4.02
C ILE E 495 -38.91 -17.95 3.07
N ASN E 496 -38.95 -16.66 2.73
CA ASN E 496 -38.13 -16.15 1.64
C ASN E 496 -36.63 -16.25 1.89
N PRO E 497 -36.07 -15.79 3.01
CA PRO E 497 -34.61 -15.95 3.20
C PRO E 497 -34.17 -17.40 3.24
N ILE E 498 -35.01 -18.31 3.73
CA ILE E 498 -34.67 -19.73 3.71
C ILE E 498 -34.49 -20.20 2.27
N LEU E 499 -35.42 -19.83 1.39
CA LEU E 499 -35.28 -20.13 -0.02
C LEU E 499 -34.11 -19.40 -0.66
N TYR E 500 -33.68 -18.28 -0.06
CA TYR E 500 -32.54 -17.55 -0.61
C TYR E 500 -31.23 -18.26 -0.29
N ASN E 501 -31.14 -18.86 0.90
CA ASN E 501 -29.94 -19.60 1.29
C ASN E 501 -29.85 -20.98 0.63
N LEU E 502 -30.95 -21.51 0.12
CA LEU E 502 -30.98 -22.85 -0.44
C LEU E 502 -30.78 -22.89 -1.94
N VAL E 503 -30.50 -21.74 -2.57
CA VAL E 503 -30.39 -21.68 -4.02
C VAL E 503 -29.03 -21.11 -4.42
N SER E 504 -28.46 -20.27 -3.57
CA SER E 504 -27.19 -19.59 -3.86
C SER E 504 -26.20 -19.92 -2.75
N ALA E 505 -25.06 -20.48 -3.12
CA ALA E 505 -24.05 -20.84 -2.12
C ALA E 505 -23.32 -19.59 -1.62
N ASN E 506 -23.02 -18.66 -2.52
CA ASN E 506 -22.37 -17.41 -2.11
C ASN E 506 -23.25 -16.63 -1.15
N PHE E 507 -24.55 -16.57 -1.46
CA PHE E 507 -25.49 -15.89 -0.57
C PHE E 507 -25.53 -16.56 0.79
N ARG E 508 -25.55 -17.89 0.82
CA ARG E 508 -25.57 -18.60 2.10
C ARG E 508 -24.29 -18.31 2.90
N HIS E 509 -23.14 -18.32 2.23
CA HIS E 509 -21.88 -18.04 2.92
C HIS E 509 -21.89 -16.65 3.52
N ILE E 510 -22.27 -15.65 2.72
CA ILE E 510 -22.26 -14.27 3.20
C ILE E 510 -23.30 -14.07 4.30
N PHE E 511 -24.45 -14.73 4.16
CA PHE E 511 -25.50 -14.65 5.17
C PHE E 511 -25.01 -15.20 6.50
N LEU E 512 -24.40 -16.37 6.49
CA LEU E 512 -23.90 -16.96 7.73
C LEU E 512 -22.76 -16.13 8.31
N ALA E 513 -21.87 -15.62 7.46
CA ALA E 513 -20.77 -14.81 7.95
C ALA E 513 -21.27 -13.52 8.61
N THR E 514 -22.30 -12.90 8.03
CA THR E 514 -22.86 -11.70 8.62
C THR E 514 -23.61 -12.01 9.91
N LEU E 515 -24.36 -13.11 9.93
CA LEU E 515 -25.06 -13.51 11.15
C LEU E 515 -24.09 -13.88 12.25
N ALA E 516 -22.85 -14.26 11.89
CA ALA E 516 -21.84 -14.55 12.90
C ALA E 516 -21.48 -13.33 13.73
N CYS E 517 -21.81 -12.13 13.25
CA CYS E 517 -21.55 -10.92 14.05
C CYS E 517 -22.39 -10.88 15.32
N LEU E 518 -23.45 -11.66 15.38
CA LEU E 518 -24.28 -11.75 16.58
C LEU E 518 -23.50 -12.38 17.72
N SEP E 543 8.81 -28.72 -8.12
CA SEP E 543 8.90 -27.32 -8.52
CB SEP E 543 7.69 -26.53 -8.01
OG SEP E 543 7.45 -26.79 -6.64
C SEP E 543 10.18 -26.68 -8.00
O SEP E 543 10.25 -26.26 -6.84
P SEP E 543 6.98 -25.45 -5.89
O1P SEP E 543 5.58 -25.73 -5.13
O2P SEP E 543 8.09 -25.01 -4.81
O3P SEP E 543 6.77 -24.27 -6.97
N ASN E 544 11.19 -26.59 -8.86
CA ASN E 544 12.45 -25.94 -8.51
C ASN E 544 12.28 -24.43 -8.47
N HIS E 545 13.39 -23.71 -8.45
CA HIS E 545 13.35 -22.25 -8.42
C HIS E 545 13.99 -21.63 -9.65
N TPO E 546 13.53 -20.44 -10.00
CA TPO E 546 14.05 -19.73 -11.16
CB TPO E 546 13.03 -18.72 -11.65
CG2 TPO E 546 13.57 -18.01 -12.90
OG1 TPO E 546 11.84 -19.43 -11.99
P TPO E 546 10.69 -19.01 -10.96
O1P TPO E 546 10.54 -17.55 -10.93
O2P TPO E 546 9.30 -19.68 -11.42
O3P TPO E 546 11.05 -19.54 -9.49
C TPO E 546 15.36 -19.04 -10.81
O TPO E 546 15.37 -18.01 -10.13
N LEU E 547 16.47 -19.59 -11.29
CA LEU E 547 17.78 -19.05 -11.00
C LEU E 547 18.19 -18.01 -12.03
N SEP E 548 19.39 -17.47 -11.87
CA SEP E 548 19.91 -16.47 -12.78
CB SEP E 548 19.97 -15.10 -12.11
OG SEP E 548 20.75 -15.16 -10.93
C SEP E 548 21.30 -16.87 -13.28
O SEP E 548 22.05 -17.55 -12.59
P SEP E 548 20.96 -13.70 -10.27
O1P SEP E 548 22.30 -13.02 -10.82
O2P SEP E 548 21.07 -13.87 -8.68
O3P SEP E 548 19.71 -12.75 -10.62
N SEP E 549 21.63 -16.47 -14.50
CA SEP E 549 22.95 -16.70 -15.06
CB SEP E 549 23.06 -18.09 -15.66
OG SEP E 549 24.36 -18.32 -16.15
C SEP E 549 23.26 -15.63 -16.11
O SEP E 549 22.45 -14.75 -16.36
P SEP E 549 24.86 -19.79 -15.71
O1P SEP E 549 26.48 -19.84 -15.75
O2P SEP E 549 24.28 -20.89 -16.73
O3P SEP E 549 24.36 -20.10 -14.22
N ASN E 550 24.44 -15.73 -16.72
CA ASN E 550 24.88 -14.71 -17.65
C ASN E 550 25.15 -15.28 -19.04
N ALA E 551 24.69 -14.57 -20.07
CA ALA E 551 24.91 -14.99 -21.45
C ALA E 551 26.21 -14.40 -22.01
C1 PIO F . -25.45 3.77 -5.36
O1 PIO F . -25.79 2.56 -5.84
P1 PIO F . -27.33 1.94 -5.57
C2 PIO F . -25.88 4.91 -6.35
O2 PIO F . -27.25 4.85 -6.59
C3 PIO F . -25.13 4.80 -7.69
O3 PIO F . -25.55 3.60 -8.35
C4 PIO F . -23.64 4.75 -7.53
O4 PIO F . -23.05 5.82 -8.32
P4 PIO F . -23.18 5.81 -9.96
C5 PIO F . -23.22 4.90 -6.11
O5 PIO F . -21.79 4.75 -6.01
P5 PIO F . -20.98 5.84 -5.06
C6 PIO F . -23.88 3.86 -5.18
O6 PIO F . -23.61 4.19 -3.86
O11 PIO F . -28.27 3.09 -5.26
O12 PIO F . -27.81 1.23 -6.82
O13 PIO F . -27.33 0.86 -4.29
C1A PIO F . -29.27 -1.46 -3.05
O1A PIO F . -28.54 -1.64 -3.96
C1B PIO F . -31.72 2.61 -2.69
O1B PIO F . -32.58 1.84 -2.93
C1C PIO F . -27.56 1.33 -2.95
C2A PIO F . -30.59 -2.30 -2.95
C2B PIO F . -31.98 3.75 -1.69
C2C PIO F . -28.94 0.89 -2.44
O2C PIO F . -28.94 -0.48 -2.04
C3A PIO F . -31.66 -1.65 -2.02
C3B PIO F . -33.15 3.45 -0.75
C3C PIO F . -30.02 1.15 -3.47
O3C PIO F . -30.46 2.49 -3.32
O41 PIO F . -24.11 6.91 -10.39
O42 PIO F . -23.71 4.48 -10.45
O43 PIO F . -21.82 6.03 -10.58
C4A PIO F . -33.03 -1.48 -2.72
C4B PIO F . -33.53 4.66 0.10
O51 PIO F . -21.70 5.99 -3.74
O52 PIO F . -19.58 5.35 -4.81
O53 PIO F . -20.93 7.19 -5.76
C5A PIO F . -34.20 -1.52 -1.72
C1 SRW G . -38.56 -15.31 -3.56
O1 SRW G . -37.99 -16.23 -4.46
C2 SRW G . -38.47 -16.11 -5.79
C3 SRW G . -37.66 -16.40 -6.91
C4 SRW G . -38.17 -16.27 -8.19
C5 SRW G . -39.50 -15.86 -8.38
C6 SRW G . -40.30 -15.57 -7.28
C7 SRW G . -39.79 -15.70 -5.99
C8 SRW G . -36.11 -16.89 -6.76
C9 SRW G . -35.35 -15.95 -5.92
C10 SRW G . -34.09 -16.59 -5.34
N1 SRW G . -33.51 -17.73 -6.21
C11 SRW G . -34.60 -18.82 -6.34
C12 SRW G . -36.03 -18.27 -6.23
C13 SRW G . -32.72 -17.39 -7.44
N2 SRW G . -33.12 -17.89 -8.61
C14 SRW G . -32.48 -17.61 -9.76
N3 SRW G . -31.39 -16.85 -9.78
C15 SRW G . -30.90 -16.30 -8.61
C16 SRW G . -31.54 -16.55 -7.42
C17 SRW G . -31.01 -15.96 -6.21
C18 SRW G . -29.86 -15.15 -6.24
C19 SRW G . -29.22 -14.90 -7.47
C20 SRW G . -29.72 -15.46 -8.64
N4 SRW G . -29.34 -14.56 -4.98
C21 SRW G . -29.73 -15.15 -3.70
C22 SRW G . -28.43 -13.41 -5.03
C23 SRW G . -27.02 -13.82 -4.52
O2 SRW G . -26.62 -14.92 -4.73
C24 SRW G . -33.00 -18.24 -11.07
F1 SRW G . -33.56 -17.27 -11.85
C25 SRW G . -33.90 -19.47 -11.09
C26 SRW G . -32.64 -19.43 -11.96
#